data_6FZ2
#
_entry.id   6FZ2
#
_cell.length_a   92.530
_cell.length_b   58.290
_cell.length_c   153.900
_cell.angle_alpha   90.00
_cell.angle_beta   92.52
_cell.angle_gamma   90.00
#
_symmetry.space_group_name_H-M   'C 1 2 1'
#
loop_
_entity.id
_entity.type
_entity.pdbx_description
1 polymer 'Glycylpeptide N-tetradecanoyltransferase 1'
2 non-polymer N-[2-(3-methoxyphenyl)ethanimidoyl]-2-piperidin-4-yloxy-benzamide
3 non-polymer TETRADECANOYL-COA
4 non-polymer 'MAGNESIUM ION'
5 non-polymer GLYCEROL
6 water water
#
_entity_poly.entity_id   1
_entity_poly.type   'polypeptide(L)'
_entity_poly.pdbx_seq_one_letter_code
;MGSSHHHHHHSSGRENLYFQGRSYQFWDTQPVPKLGEVVNTHGPVEPDKDNIRQEPYTLPQGFTWDALDLGDRGVLKELY
TLLNENYVEDDDNMFRFDYSPEFLLWALRPPGWLPQWHCGVRVVSSRKLVGFISAIPANIHIYDTEKKMVEINFLCVHKK
LRSKRVAPVLIREITRRVHLEGIFQAVYTAGVVLPKPVGTCRYWHRSLNPRKLIEVKFSHLSRNMTMQRTMKLYRLPETP
KTAGLRPMETKDIPVVHQLLTRYLKQFHLTPVMSQEEVEHWFYPQENIIDTFVVENANGEVTDFLSFYTLPSTIMNHPTH
KSLKAAYSFYNVHTQTPLLDLMSDALVLAKMKGFDVFNALDLMENKTFLEKLKFGIGDGNLQYYLYNWKCPSMGAEKVGL
VLQ
;
_entity_poly.pdbx_strand_id   A,B
#
loop_
_chem_comp.id
_chem_comp.type
_chem_comp.name
_chem_comp.formula
31A non-polymer N-[2-(3-methoxyphenyl)ethanimidoyl]-2-piperidin-4-yloxy-benzamide 'C21 H25 N3 O3'
GOL non-polymer GLYCEROL 'C3 H8 O3'
MG non-polymer 'MAGNESIUM ION' 'Mg 2'
MYA non-polymer TETRADECANOYL-COA 'C35 H62 N7 O17 P3 S'
#
# COMPACT_ATOMS: atom_id res chain seq x y z
N SER A 23 -27.50 -0.89 24.91
CA SER A 23 -27.31 -1.93 23.85
C SER A 23 -27.05 -1.30 22.49
N TYR A 24 -26.29 -1.99 21.65
CA TYR A 24 -25.85 -1.44 20.37
C TYR A 24 -26.18 -2.43 19.27
N GLN A 25 -27.33 -2.23 18.63
CA GLN A 25 -27.88 -3.15 17.63
C GLN A 25 -26.90 -3.45 16.48
N PHE A 26 -26.22 -2.41 15.97
CA PHE A 26 -25.16 -2.56 14.99
C PHE A 26 -23.84 -2.97 15.63
N TRP A 27 -23.39 -2.16 16.59
CA TRP A 27 -22.03 -2.29 17.12
C TRP A 27 -21.72 -3.56 17.92
N ASP A 28 -22.75 -4.19 18.51
CA ASP A 28 -22.62 -5.50 19.19
C ASP A 28 -22.31 -6.66 18.25
N THR A 29 -22.59 -6.47 16.96
CA THR A 29 -22.29 -7.47 15.94
C THR A 29 -20.86 -7.36 15.40
N GLN A 30 -20.15 -6.27 15.74
CA GLN A 30 -18.86 -5.96 15.14
C GLN A 30 -17.68 -6.45 15.99
N PRO A 31 -16.49 -6.64 15.38
CA PRO A 31 -15.31 -7.09 16.12
C PRO A 31 -14.64 -5.90 16.85
N VAL A 32 -15.26 -5.53 17.99
CA VAL A 32 -14.79 -4.44 18.84
C VAL A 32 -15.08 -4.86 20.29
N PRO A 33 -14.28 -4.40 21.28
CA PRO A 33 -14.59 -4.81 22.65
C PRO A 33 -15.90 -4.22 23.17
N LYS A 34 -16.49 -4.87 24.17
CA LYS A 34 -17.67 -4.32 24.85
C LYS A 34 -17.22 -3.09 25.65
N LEU A 35 -18.09 -2.08 25.73
CA LEU A 35 -17.96 -0.99 26.74
C LEU A 35 -17.89 -1.58 28.15
N GLY A 36 -16.92 -1.13 28.95
CA GLY A 36 -16.71 -1.71 30.29
C GLY A 36 -16.16 -3.14 30.31
N GLU A 37 -15.45 -3.52 29.25
CA GLU A 37 -14.59 -4.70 29.27
C GLU A 37 -13.21 -4.17 29.61
N VAL A 38 -12.68 -4.50 30.78
CA VAL A 38 -11.27 -4.24 31.05
C VAL A 38 -10.43 -5.09 30.08
N VAL A 39 -9.72 -4.44 29.17
CA VAL A 39 -8.84 -5.13 28.22
C VAL A 39 -7.41 -5.18 28.79
N ASN A 40 -6.90 -6.40 29.03
CA ASN A 40 -5.50 -6.61 29.39
C ASN A 40 -4.66 -7.27 28.26
N THR A 41 -5.30 -7.64 27.13
CA THR A 41 -4.63 -8.33 26.02
C THR A 41 -4.28 -7.34 24.91
N HIS A 42 -3.55 -7.82 23.91
CA HIS A 42 -3.22 -7.05 22.72
C HIS A 42 -3.38 -7.94 21.50
N GLY A 43 -4.32 -7.61 20.63
CA GLY A 43 -4.45 -8.31 19.37
C GLY A 43 -5.78 -8.16 18.69
N PRO A 44 -5.95 -8.79 17.52
CA PRO A 44 -7.21 -8.74 16.82
C PRO A 44 -8.34 -9.45 17.58
N VAL A 45 -9.57 -8.96 17.38
CA VAL A 45 -10.76 -9.49 18.01
C VAL A 45 -11.17 -10.79 17.32
N GLU A 46 -11.07 -10.82 15.99
CA GLU A 46 -11.42 -11.99 15.20
C GLU A 46 -10.29 -12.35 14.22
N PRO A 47 -10.31 -13.58 13.67
CA PRO A 47 -9.31 -13.94 12.64
C PRO A 47 -9.47 -13.14 11.35
N ASP A 48 -8.36 -12.88 10.68
CA ASP A 48 -8.38 -12.36 9.31
C ASP A 48 -9.25 -13.26 8.43
N LYS A 49 -10.21 -12.66 7.76
CA LYS A 49 -11.07 -13.37 6.82
C LYS A 49 -10.21 -13.71 5.61
N ASP A 50 -10.22 -14.98 5.21
CA ASP A 50 -9.49 -15.45 4.01
C ASP A 50 -10.47 -15.84 2.90
N ASN A 51 -11.65 -15.24 2.94
CA ASN A 51 -12.72 -15.52 2.01
C ASN A 51 -13.66 -14.32 2.16
N ILE A 52 -13.69 -13.43 1.17
CA ILE A 52 -14.43 -12.16 1.31
C ILE A 52 -15.64 -12.04 0.37
N ARG A 53 -16.78 -11.65 0.95
CA ARG A 53 -18.01 -11.32 0.21
C ARG A 53 -17.69 -10.45 -1.01
N GLN A 54 -18.01 -10.90 -2.22
CA GLN A 54 -17.68 -10.13 -3.44
C GLN A 54 -18.74 -9.11 -3.86
N GLU A 55 -19.96 -9.27 -3.36
CA GLU A 55 -21.08 -8.47 -3.82
C GLU A 55 -21.30 -7.35 -2.83
N PRO A 56 -21.55 -6.12 -3.33
CA PRO A 56 -21.87 -5.03 -2.41
C PRO A 56 -23.07 -5.36 -1.51
N TYR A 57 -23.07 -4.82 -0.30
CA TYR A 57 -24.24 -4.96 0.56
C TYR A 57 -25.46 -4.27 -0.05
N THR A 58 -26.62 -4.82 0.24
CA THR A 58 -27.87 -4.32 -0.29
C THR A 58 -28.29 -3.03 0.42
N LEU A 59 -28.55 -1.99 -0.36
CA LEU A 59 -29.08 -0.74 0.17
C LEU A 59 -30.61 -0.85 0.16
N PRO A 60 -31.32 0.05 0.90
CA PRO A 60 -32.77 0.19 0.75
C PRO A 60 -33.18 0.47 -0.71
N GLN A 61 -34.41 0.11 -1.06
CA GLN A 61 -34.92 0.32 -2.44
C GLN A 61 -34.84 1.79 -2.85
N GLY A 62 -34.44 2.05 -4.10
CA GLY A 62 -34.27 3.41 -4.62
C GLY A 62 -32.89 4.02 -4.42
N PHE A 63 -31.94 3.26 -3.87
CA PHE A 63 -30.59 3.73 -3.62
C PHE A 63 -29.56 2.77 -4.23
N THR A 64 -28.40 3.30 -4.62
CA THR A 64 -27.34 2.50 -5.23
C THR A 64 -25.94 3.04 -4.87
N TRP A 65 -24.97 2.15 -4.89
CA TRP A 65 -23.57 2.50 -4.66
C TRP A 65 -22.99 3.24 -5.84
N ASP A 66 -22.11 4.21 -5.56
CA ASP A 66 -21.28 4.80 -6.60
C ASP A 66 -19.95 5.28 -6.04
N ALA A 67 -18.87 4.66 -6.54
CA ALA A 67 -17.51 5.08 -6.25
C ALA A 67 -17.30 6.44 -6.89
N LEU A 68 -16.88 7.42 -6.10
CA LEU A 68 -16.85 8.82 -6.53
C LEU A 68 -15.46 9.16 -7.05
N ASP A 69 -15.36 9.52 -8.34
CA ASP A 69 -14.09 10.00 -8.92
C ASP A 69 -13.90 11.47 -8.58
N LEU A 70 -13.05 11.76 -7.59
CA LEU A 70 -12.86 13.14 -7.09
C LEU A 70 -11.95 13.96 -8.01
N GLY A 71 -11.33 13.31 -9.00
CA GLY A 71 -10.66 14.01 -10.10
C GLY A 71 -11.60 14.62 -11.11
N ASP A 72 -12.87 14.22 -11.06
CA ASP A 72 -13.94 14.80 -11.88
C ASP A 72 -14.55 15.92 -11.05
N ARG A 73 -14.37 17.16 -11.52
CA ARG A 73 -14.73 18.37 -10.76
C ARG A 73 -16.22 18.38 -10.35
N GLY A 74 -17.09 17.94 -11.25
CA GLY A 74 -18.51 17.79 -10.96
C GLY A 74 -18.82 16.86 -9.79
N VAL A 75 -18.18 15.70 -9.76
CA VAL A 75 -18.38 14.72 -8.68
C VAL A 75 -17.83 15.24 -7.34
N LEU A 76 -16.66 15.88 -7.38
CA LEU A 76 -16.10 16.52 -6.20
C LEU A 76 -17.06 17.55 -5.64
N LYS A 77 -17.61 18.39 -6.52
CA LYS A 77 -18.55 19.39 -6.10
C LYS A 77 -19.74 18.77 -5.38
N GLU A 78 -20.29 17.69 -5.95
CA GLU A 78 -21.43 16.98 -5.36
C GLU A 78 -21.15 16.49 -3.94
N LEU A 79 -19.93 15.98 -3.73
CA LEU A 79 -19.50 15.57 -2.39
C LEU A 79 -19.39 16.78 -1.47
N TYR A 80 -18.80 17.85 -1.99
CA TYR A 80 -18.64 19.08 -1.22
C TYR A 80 -20.00 19.56 -0.70
N THR A 81 -21.01 19.54 -1.57
CA THR A 81 -22.35 20.00 -1.26
C THR A 81 -23.01 19.09 -0.22
N LEU A 82 -22.88 17.78 -0.40
CA LEU A 82 -23.40 16.80 0.56
C LEU A 82 -22.91 17.12 1.98
N LEU A 83 -21.58 17.24 2.13
CA LEU A 83 -20.96 17.48 3.42
C LEU A 83 -21.23 18.92 3.91
N ASN A 84 -21.13 19.90 3.01
CA ASN A 84 -21.49 21.29 3.33
C ASN A 84 -22.88 21.38 3.96
N GLU A 85 -23.84 20.68 3.37
CA GLU A 85 -25.24 20.69 3.82
C GLU A 85 -25.59 19.61 4.88
N ASN A 86 -24.76 18.57 5.05
CA ASN A 86 -25.16 17.43 5.90
C ASN A 86 -24.13 16.87 6.86
N TYR A 87 -22.92 17.45 6.95
CA TYR A 87 -21.87 16.85 7.78
C TYR A 87 -21.97 17.38 9.23
N VAL A 88 -20.87 17.36 9.98
CA VAL A 88 -20.93 17.47 11.43
C VAL A 88 -21.29 18.88 11.80
N GLU A 89 -22.20 19.00 12.77
CA GLU A 89 -22.50 20.26 13.44
C GLU A 89 -21.97 20.23 14.86
N ASP A 90 -21.82 21.40 15.47
CA ASP A 90 -21.47 21.47 16.89
C ASP A 90 -22.71 21.11 17.74
N ASP A 91 -22.47 20.83 19.03
CA ASP A 91 -23.54 20.48 19.98
C ASP A 91 -24.76 21.41 19.97
N ASP A 92 -24.54 22.71 19.82
CA ASP A 92 -25.64 23.69 19.74
C ASP A 92 -26.33 23.87 18.37
N ASN A 93 -25.80 23.20 17.34
CA ASN A 93 -26.34 23.26 15.97
C ASN A 93 -26.38 24.70 15.46
N MET A 94 -25.27 25.41 15.66
CA MET A 94 -25.09 26.78 15.15
C MET A 94 -24.02 26.89 14.07
N PHE A 95 -23.11 25.91 14.02
CA PHE A 95 -22.05 25.86 13.00
C PHE A 95 -22.02 24.47 12.38
N ARG A 96 -21.68 24.42 11.08
CA ARG A 96 -21.39 23.16 10.39
C ARG A 96 -20.06 23.30 9.66
N PHE A 97 -19.18 22.30 9.81
CA PHE A 97 -17.90 22.29 9.07
C PHE A 97 -18.17 22.49 7.58
N ASP A 98 -17.30 23.26 6.95
CA ASP A 98 -17.40 23.57 5.53
C ASP A 98 -16.06 23.22 4.88
N TYR A 99 -15.81 21.93 4.75
CA TYR A 99 -14.60 21.43 4.11
C TYR A 99 -14.62 21.86 2.64
N SER A 100 -13.55 22.51 2.17
CA SER A 100 -13.51 22.98 0.77
C SER A 100 -13.23 21.83 -0.21
N PRO A 101 -13.55 22.01 -1.51
CA PRO A 101 -13.19 21.01 -2.54
C PRO A 101 -11.71 20.58 -2.50
N GLU A 102 -10.84 21.57 -2.34
CA GLU A 102 -9.39 21.37 -2.41
C GLU A 102 -8.91 20.67 -1.14
N PHE A 103 -9.49 21.04 0.00
CA PHE A 103 -9.24 20.33 1.26
C PHE A 103 -9.61 18.87 1.15
N LEU A 104 -10.80 18.59 0.63
CA LEU A 104 -11.27 17.20 0.49
C LEU A 104 -10.32 16.38 -0.39
N LEU A 105 -9.81 16.96 -1.49
CA LEU A 105 -8.81 16.27 -2.33
C LEU A 105 -7.52 15.94 -1.58
N TRP A 106 -7.05 16.87 -0.76
CA TRP A 106 -5.88 16.64 0.12
C TRP A 106 -6.16 15.50 1.09
N ALA A 107 -7.31 15.56 1.75
CA ALA A 107 -7.66 14.59 2.80
C ALA A 107 -7.95 13.19 2.26
N LEU A 108 -8.47 13.09 1.04
CA LEU A 108 -8.98 11.84 0.50
C LEU A 108 -8.13 11.25 -0.61
N ARG A 109 -7.19 12.01 -1.15
CA ARG A 109 -6.21 11.46 -2.09
C ARG A 109 -4.75 11.57 -1.59
N PRO A 110 -4.47 11.06 -0.36
CA PRO A 110 -3.08 10.92 0.05
C PRO A 110 -2.43 9.73 -0.68
N PRO A 111 -1.13 9.49 -0.46
CA PRO A 111 -0.52 8.29 -1.11
C PRO A 111 -1.22 6.96 -0.75
N GLY A 112 -1.42 6.11 -1.76
CA GLY A 112 -2.16 4.86 -1.59
C GLY A 112 -3.70 4.94 -1.56
N TRP A 113 -4.28 6.13 -1.78
CA TRP A 113 -5.74 6.27 -1.88
C TRP A 113 -6.26 5.32 -2.98
N LEU A 114 -7.45 4.76 -2.79
CA LEU A 114 -8.06 3.87 -3.80
C LEU A 114 -9.41 4.39 -4.19
N PRO A 115 -9.76 4.34 -5.50
CA PRO A 115 -11.03 4.92 -5.93
C PRO A 115 -12.23 4.26 -5.27
N GLN A 116 -12.17 2.94 -5.09
CA GLN A 116 -13.28 2.20 -4.49
C GLN A 116 -13.52 2.52 -2.99
N TRP A 117 -12.55 3.16 -2.34
CA TRP A 117 -12.69 3.59 -0.94
C TRP A 117 -13.29 5.01 -0.80
N HIS A 118 -13.74 5.60 -1.91
CA HIS A 118 -14.53 6.83 -1.90
C HIS A 118 -15.96 6.42 -2.19
N CYS A 119 -16.61 5.94 -1.14
CA CYS A 119 -17.82 5.14 -1.27
C CYS A 119 -19.06 6.03 -1.09
N GLY A 120 -19.69 6.38 -2.21
CA GLY A 120 -20.93 7.13 -2.22
C GLY A 120 -22.18 6.27 -2.34
N VAL A 121 -23.31 6.89 -1.96
CA VAL A 121 -24.64 6.34 -2.12
C VAL A 121 -25.45 7.40 -2.88
N ARG A 122 -26.18 6.94 -3.90
CA ARG A 122 -26.95 7.81 -4.77
C ARG A 122 -28.37 7.30 -4.86
N VAL A 123 -29.31 8.23 -5.03
CA VAL A 123 -30.70 7.89 -5.34
C VAL A 123 -30.71 7.35 -6.78
N VAL A 124 -31.44 6.26 -7.01
CA VAL A 124 -31.41 5.55 -8.29
C VAL A 124 -32.02 6.41 -9.41
N SER A 125 -33.24 6.91 -9.17
CA SER A 125 -34.00 7.69 -10.15
C SER A 125 -33.33 9.00 -10.59
N SER A 126 -32.91 9.82 -9.63
CA SER A 126 -32.31 11.14 -9.90
C SER A 126 -30.77 11.17 -9.91
N ARG A 127 -30.12 10.12 -9.42
CA ARG A 127 -28.67 10.12 -9.19
C ARG A 127 -28.17 11.08 -8.09
N LYS A 128 -29.08 11.67 -7.29
CA LYS A 128 -28.67 12.62 -6.24
C LYS A 128 -27.79 11.92 -5.21
N LEU A 129 -26.65 12.53 -4.88
CA LEU A 129 -25.72 11.97 -3.91
C LEU A 129 -26.27 12.20 -2.50
N VAL A 130 -26.57 11.12 -1.79
CA VAL A 130 -27.21 11.21 -0.45
C VAL A 130 -26.40 10.55 0.68
N GLY A 131 -25.28 9.91 0.35
CA GLY A 131 -24.49 9.23 1.38
C GLY A 131 -23.05 9.11 1.03
N PHE A 132 -22.18 9.09 2.04
CA PHE A 132 -20.74 8.94 1.80
C PHE A 132 -20.03 8.30 2.97
N ILE A 133 -18.96 7.59 2.66
CA ILE A 133 -17.98 7.14 3.66
C ILE A 133 -16.66 6.93 2.90
N SER A 134 -15.52 7.09 3.59
CA SER A 134 -14.21 6.96 2.99
C SER A 134 -13.23 6.23 3.87
N ALA A 135 -12.31 5.54 3.19
CA ALA A 135 -11.13 4.96 3.80
C ALA A 135 -9.89 5.50 3.07
N ILE A 136 -8.85 5.78 3.86
CA ILE A 136 -7.51 6.01 3.33
C ILE A 136 -6.55 5.10 4.07
N PRO A 137 -5.53 4.60 3.39
CA PRO A 137 -4.60 3.68 4.07
C PRO A 137 -3.69 4.43 5.02
N ALA A 138 -3.28 3.77 6.07
CA ALA A 138 -2.34 4.33 7.02
C ALA A 138 -1.64 3.21 7.76
N ASN A 139 -0.35 3.38 7.99
CA ASN A 139 0.41 2.47 8.85
C ASN A 139 0.33 3.04 10.24
N ILE A 140 -0.20 2.25 11.17
CA ILE A 140 -0.48 2.73 12.54
C ILE A 140 0.39 1.97 13.56
N HIS A 141 1.06 2.73 14.41
CA HIS A 141 1.75 2.19 15.58
C HIS A 141 0.77 2.23 16.76
N ILE A 142 0.48 1.05 17.33
CA ILE A 142 -0.38 0.92 18.50
C ILE A 142 0.38 0.07 19.51
N TYR A 143 0.86 0.73 20.56
CA TYR A 143 1.71 0.13 21.58
C TYR A 143 2.94 -0.58 20.95
N ASP A 144 3.07 -1.91 21.08
CA ASP A 144 4.26 -2.61 20.60
C ASP A 144 4.09 -3.14 19.16
N THR A 145 3.04 -2.70 18.48
CA THR A 145 2.67 -3.28 17.19
C THR A 145 2.50 -2.19 16.15
N GLU A 146 3.02 -2.46 14.95
CA GLU A 146 2.81 -1.63 13.79
C GLU A 146 2.01 -2.45 12.77
N LYS A 147 0.87 -1.90 12.34
CA LYS A 147 -0.11 -2.55 11.46
C LYS A 147 -0.50 -1.61 10.34
N LYS A 148 -0.62 -2.17 9.13
CA LYS A 148 -1.28 -1.49 8.04
C LYS A 148 -2.79 -1.45 8.34
N MET A 149 -3.36 -0.26 8.35
CA MET A 149 -4.77 -0.06 8.69
C MET A 149 -5.38 0.87 7.66
N VAL A 150 -6.64 1.22 7.87
CA VAL A 150 -7.26 2.34 7.20
C VAL A 150 -7.77 3.32 8.23
N GLU A 151 -7.92 4.56 7.77
CA GLU A 151 -8.54 5.61 8.54
C GLU A 151 -9.89 5.89 7.90
N ILE A 152 -10.95 5.83 8.70
CA ILE A 152 -12.29 6.04 8.18
C ILE A 152 -12.73 7.47 8.49
N ASN A 153 -13.15 8.21 7.48
CA ASN A 153 -13.59 9.58 7.68
C ASN A 153 -14.74 9.93 6.75
N PHE A 154 -15.42 11.04 7.08
CA PHE A 154 -16.47 11.61 6.24
C PHE A 154 -17.69 10.72 6.06
N LEU A 155 -18.03 9.94 7.08
CA LEU A 155 -19.30 9.22 7.13
C LEU A 155 -20.38 10.29 7.17
N CYS A 156 -21.31 10.23 6.23
CA CYS A 156 -22.35 11.25 6.12
C CYS A 156 -23.56 10.63 5.45
N VAL A 157 -24.70 10.73 6.11
CA VAL A 157 -25.99 10.43 5.48
C VAL A 157 -26.79 11.74 5.39
N HIS A 158 -27.40 12.00 4.24
CA HIS A 158 -28.28 13.17 4.02
C HIS A 158 -29.33 13.31 5.13
N LYS A 159 -29.61 14.54 5.58
CA LYS A 159 -30.56 14.80 6.68
C LYS A 159 -31.91 14.11 6.51
N LYS A 160 -32.40 14.05 5.27
CA LYS A 160 -33.69 13.44 4.97
C LYS A 160 -33.68 11.92 4.98
N LEU A 161 -32.48 11.31 5.01
CA LEU A 161 -32.29 9.86 5.15
C LEU A 161 -31.89 9.42 6.56
N ARG A 162 -32.00 10.31 7.56
CA ARG A 162 -31.52 9.99 8.92
C ARG A 162 -32.48 9.02 9.62
N SER A 163 -31.89 8.13 10.44
CA SER A 163 -32.63 7.16 11.27
C SER A 163 -33.33 6.09 10.45
N LYS A 164 -32.66 5.68 9.37
CA LYS A 164 -33.12 4.65 8.45
C LYS A 164 -32.10 3.51 8.32
N ARG A 165 -31.16 3.43 9.26
CA ARG A 165 -30.10 2.40 9.26
C ARG A 165 -29.24 2.33 7.98
N VAL A 166 -28.99 3.48 7.35
CA VAL A 166 -28.09 3.56 6.17
C VAL A 166 -26.62 3.57 6.63
N ALA A 167 -26.36 4.11 7.80
CA ALA A 167 -24.98 4.21 8.29
C ALA A 167 -24.30 2.84 8.50
N PRO A 168 -24.98 1.88 9.14
CA PRO A 168 -24.47 0.49 9.22
C PRO A 168 -24.17 -0.13 7.86
N VAL A 169 -24.96 0.19 6.86
CA VAL A 169 -24.73 -0.36 5.51
C VAL A 169 -23.46 0.28 4.95
N LEU A 170 -23.30 1.59 5.14
CA LEU A 170 -22.09 2.29 4.71
C LEU A 170 -20.83 1.73 5.39
N ILE A 171 -20.94 1.43 6.68
CA ILE A 171 -19.83 0.89 7.46
C ILE A 171 -19.45 -0.53 7.04
N ARG A 172 -20.45 -1.39 6.89
CA ARG A 172 -20.24 -2.75 6.45
C ARG A 172 -19.62 -2.83 5.03
N GLU A 173 -20.08 -1.96 4.14
CA GLU A 173 -19.57 -1.88 2.76
C GLU A 173 -18.13 -1.40 2.67
N ILE A 174 -17.76 -0.36 3.40
CA ILE A 174 -16.36 0.06 3.41
C ILE A 174 -15.49 -1.06 4.03
N THR A 175 -16.00 -1.74 5.06
CA THR A 175 -15.28 -2.87 5.68
C THR A 175 -14.96 -3.98 4.67
N ARG A 176 -15.98 -4.39 3.95
CA ARG A 176 -15.85 -5.35 2.84
C ARG A 176 -14.83 -4.87 1.81
N ARG A 177 -14.94 -3.62 1.35
CA ARG A 177 -14.01 -3.06 0.36
C ARG A 177 -12.58 -2.96 0.87
N VAL A 178 -12.41 -2.73 2.17
CA VAL A 178 -11.09 -2.73 2.81
C VAL A 178 -10.56 -4.16 2.98
N HIS A 179 -11.40 -5.08 3.43
CA HIS A 179 -11.09 -6.52 3.52
C HIS A 179 -10.60 -7.10 2.16
N LEU A 180 -11.18 -6.62 1.06
CA LEU A 180 -10.77 -7.07 -0.28
C LEU A 180 -9.31 -6.76 -0.57
N GLU A 181 -8.80 -5.68 0.02
CA GLU A 181 -7.42 -5.24 -0.12
C GLU A 181 -6.46 -5.78 0.95
N GLY A 182 -6.90 -6.75 1.74
CA GLY A 182 -6.04 -7.41 2.72
C GLY A 182 -5.82 -6.65 4.02
N ILE A 183 -6.71 -5.72 4.36
CA ILE A 183 -6.54 -4.92 5.56
C ILE A 183 -7.67 -5.28 6.51
N PHE A 184 -7.34 -5.53 7.78
CA PHE A 184 -8.30 -6.06 8.74
C PHE A 184 -8.52 -5.22 10.02
N GLN A 185 -7.88 -4.06 10.08
CA GLN A 185 -8.04 -3.11 11.17
C GLN A 185 -8.24 -1.69 10.65
N ALA A 186 -8.88 -0.87 11.49
CA ALA A 186 -9.08 0.54 11.19
C ALA A 186 -8.93 1.40 12.44
N VAL A 187 -8.69 2.68 12.19
CA VAL A 187 -8.70 3.70 13.21
C VAL A 187 -9.70 4.77 12.77
N TYR A 188 -10.42 5.33 13.75
CA TYR A 188 -11.41 6.35 13.46
C TYR A 188 -11.75 7.09 14.76
N THR A 189 -12.36 8.26 14.61
CA THR A 189 -12.86 9.02 15.74
C THR A 189 -14.32 9.40 15.52
N ALA A 190 -15.02 9.66 16.64
CA ALA A 190 -16.39 10.17 16.64
C ALA A 190 -16.69 10.92 17.94
N GLY A 191 -17.72 11.77 17.90
CA GLY A 191 -18.18 12.51 19.06
C GLY A 191 -19.07 11.70 19.98
N VAL A 192 -19.58 10.59 19.45
CA VAL A 192 -20.48 9.68 20.17
C VAL A 192 -19.72 8.53 20.85
N VAL A 193 -20.32 8.01 21.92
CA VAL A 193 -19.76 6.87 22.64
C VAL A 193 -20.24 5.59 21.95
N LEU A 194 -19.27 4.81 21.48
CA LEU A 194 -19.47 3.49 20.88
C LEU A 194 -18.54 2.51 21.59
N PRO A 195 -18.81 1.19 21.49
CA PRO A 195 -17.83 0.23 21.98
C PRO A 195 -16.62 0.17 21.03
N LYS A 196 -15.37 0.35 21.49
CA LYS A 196 -15.00 0.88 22.80
C LYS A 196 -13.88 1.88 22.57
N PRO A 197 -13.95 3.08 23.19
CA PRO A 197 -12.89 4.05 22.94
C PRO A 197 -11.51 3.59 23.44
N VAL A 198 -10.48 3.75 22.62
CA VAL A 198 -9.08 3.57 23.06
C VAL A 198 -8.57 4.78 23.81
N GLY A 199 -9.12 5.94 23.49
CA GLY A 199 -8.79 7.18 24.16
C GLY A 199 -9.91 8.18 23.94
N THR A 200 -9.89 9.21 24.77
CA THR A 200 -10.91 10.24 24.79
C THR A 200 -10.17 11.57 24.86
N CYS A 201 -10.42 12.43 23.87
CA CYS A 201 -9.90 13.78 23.83
C CYS A 201 -10.97 14.82 24.05
N ARG A 202 -10.49 16.04 24.30
CA ARG A 202 -11.28 17.18 24.65
C ARG A 202 -10.91 18.30 23.68
N TYR A 203 -11.90 19.07 23.24
CA TYR A 203 -11.69 20.20 22.32
C TYR A 203 -11.33 21.46 23.09
N TRP A 204 -10.27 22.14 22.68
CA TRP A 204 -9.91 23.47 23.21
C TRP A 204 -9.78 24.50 22.07
N HIS A 205 -10.23 25.72 22.34
CA HIS A 205 -10.23 26.84 21.38
C HIS A 205 -9.46 28.05 21.93
N ARG A 206 -8.74 28.72 21.03
CA ARG A 206 -8.01 29.94 21.36
C ARG A 206 -8.56 31.10 20.50
N SER A 207 -9.22 32.07 21.12
CA SER A 207 -9.77 33.24 20.41
C SER A 207 -8.64 34.07 19.79
N LEU A 208 -8.81 34.38 18.51
CA LEU A 208 -7.92 35.28 17.78
C LEU A 208 -8.61 36.61 17.44
N ASN A 209 -9.86 36.55 16.99
CA ASN A 209 -10.68 37.71 16.70
C ASN A 209 -11.92 37.63 17.61
N PRO A 210 -11.77 37.94 18.91
CA PRO A 210 -12.90 37.77 19.84
C PRO A 210 -14.17 38.56 19.50
N ARG A 211 -14.06 39.68 18.80
CA ARG A 211 -15.28 40.45 18.41
C ARG A 211 -16.16 39.66 17.46
N LYS A 212 -15.55 39.01 16.46
CA LYS A 212 -16.29 38.16 15.53
C LYS A 212 -16.84 36.91 16.21
N LEU A 213 -16.02 36.26 17.04
CA LEU A 213 -16.47 35.08 17.77
C LEU A 213 -17.67 35.38 18.66
N ILE A 214 -17.70 36.56 19.27
CA ILE A 214 -18.85 36.97 20.10
C ILE A 214 -20.05 37.33 19.22
N GLU A 215 -19.84 38.11 18.15
CA GLU A 215 -20.93 38.50 17.23
C GLU A 215 -21.60 37.30 16.51
N VAL A 216 -20.83 36.23 16.26
CA VAL A 216 -21.40 34.97 15.70
C VAL A 216 -21.83 33.94 16.76
N LYS A 217 -21.69 34.28 18.05
CA LYS A 217 -22.09 33.45 19.17
C LYS A 217 -21.32 32.11 19.29
N PHE A 218 -20.04 32.11 18.88
CA PHE A 218 -19.12 31.00 19.15
C PHE A 218 -18.64 31.08 20.60
N SER A 219 -18.32 32.31 21.04
CA SER A 219 -17.99 32.59 22.44
C SER A 219 -19.03 33.59 22.97
N HIS A 220 -19.04 33.83 24.28
CA HIS A 220 -20.05 34.72 24.87
C HIS A 220 -19.45 35.80 25.77
N ASN A 224 -18.47 39.39 33.97
CA ASN A 224 -17.91 40.67 34.39
C ASN A 224 -16.65 41.10 33.58
N MET A 225 -16.68 40.92 32.27
CA MET A 225 -15.61 41.34 31.33
C MET A 225 -16.10 42.43 30.34
N THR A 226 -15.25 43.42 30.04
CA THR A 226 -15.47 44.38 28.93
C THR A 226 -15.02 43.78 27.59
N MET A 227 -15.50 44.32 26.47
CA MET A 227 -15.05 43.93 25.13
C MET A 227 -13.62 44.46 24.93
N GLN A 228 -13.39 45.69 25.41
CA GLN A 228 -12.07 46.30 25.59
C GLN A 228 -11.12 45.30 26.26
N ARG A 229 -11.53 44.82 27.44
CA ARG A 229 -10.75 43.87 28.24
C ARG A 229 -10.47 42.56 27.53
N THR A 230 -11.48 42.04 26.83
CA THR A 230 -11.39 40.75 26.13
C THR A 230 -10.45 40.80 24.92
N MET A 231 -10.46 41.92 24.20
CA MET A 231 -9.54 42.13 23.08
C MET A 231 -8.09 42.23 23.59
N LYS A 232 -7.90 42.94 24.71
CA LYS A 232 -6.60 43.07 25.37
C LYS A 232 -6.11 41.72 25.84
N LEU A 233 -6.95 40.98 26.56
CA LEU A 233 -6.63 39.64 27.05
C LEU A 233 -6.02 38.73 25.97
N TYR A 234 -6.66 38.69 24.80
CA TYR A 234 -6.32 37.79 23.69
C TYR A 234 -5.48 38.41 22.55
N ARG A 235 -4.95 39.62 22.76
CA ARG A 235 -4.07 40.26 21.79
C ARG A 235 -2.75 39.51 21.69
N LEU A 236 -2.19 39.46 20.49
CA LEU A 236 -0.95 38.73 20.23
C LEU A 236 0.06 39.67 19.56
N PRO A 237 1.36 39.31 19.58
CA PRO A 237 2.33 40.02 18.76
C PRO A 237 1.97 40.00 17.27
N GLU A 238 2.49 40.97 16.52
CA GLU A 238 2.25 41.07 15.07
C GLU A 238 3.10 40.08 14.27
N THR A 239 4.28 39.75 14.80
CA THR A 239 5.20 38.80 14.16
C THR A 239 5.68 37.78 15.21
N PRO A 240 6.12 36.58 14.77
CA PRO A 240 6.47 35.52 15.73
C PRO A 240 7.82 35.74 16.41
N LYS A 241 8.05 35.10 17.57
CA LYS A 241 9.28 35.31 18.36
C LYS A 241 10.44 34.32 18.12
N THR A 242 10.16 33.11 17.63
CA THR A 242 11.20 32.11 17.49
C THR A 242 12.11 32.44 16.30
N ALA A 243 13.41 32.48 16.61
CA ALA A 243 14.46 32.76 15.65
C ALA A 243 14.46 31.74 14.52
N GLY A 244 14.42 32.21 13.28
CA GLY A 244 14.58 31.33 12.13
C GLY A 244 13.34 30.54 11.73
N LEU A 245 12.17 31.00 12.18
CA LEU A 245 10.92 30.44 11.75
C LEU A 245 10.72 30.83 10.29
N ARG A 246 10.26 29.90 9.47
CA ARG A 246 9.96 30.19 8.07
C ARG A 246 9.05 29.10 7.52
N PRO A 247 8.37 29.35 6.37
CA PRO A 247 7.58 28.25 5.80
C PRO A 247 8.43 27.04 5.47
N MET A 248 7.82 25.85 5.60
CA MET A 248 8.34 24.60 5.10
C MET A 248 8.50 24.71 3.58
N GLU A 249 9.62 24.22 3.09
CA GLU A 249 9.93 24.14 1.67
C GLU A 249 10.30 22.70 1.31
N THR A 250 10.34 22.42 0.00
CA THR A 250 10.73 21.12 -0.55
C THR A 250 11.96 20.52 0.14
N LYS A 251 13.03 21.31 0.26
CA LYS A 251 14.27 20.86 0.91
C LYS A 251 14.11 20.35 2.36
N ASP A 252 13.03 20.73 3.03
CA ASP A 252 12.76 20.32 4.42
C ASP A 252 12.02 18.97 4.56
N ILE A 253 11.56 18.39 3.46
CA ILE A 253 10.73 17.16 3.53
C ILE A 253 11.47 16.03 4.29
N PRO A 254 12.76 15.80 4.01
CA PRO A 254 13.46 14.73 4.72
C PRO A 254 13.58 14.98 6.22
N VAL A 255 13.95 16.18 6.60
CA VAL A 255 14.18 16.49 8.00
C VAL A 255 12.86 16.60 8.79
N VAL A 256 11.80 17.09 8.16
CA VAL A 256 10.47 17.09 8.77
C VAL A 256 10.04 15.65 9.03
N HIS A 257 10.24 14.78 8.05
CA HIS A 257 10.00 13.34 8.21
C HIS A 257 10.75 12.80 9.41
N GLN A 258 12.05 13.11 9.49
CA GLN A 258 12.93 12.67 10.61
C GLN A 258 12.46 13.18 11.97
N LEU A 259 12.16 14.47 12.05
CA LEU A 259 11.70 15.07 13.30
C LEU A 259 10.43 14.40 13.82
N LEU A 260 9.48 14.21 12.91
CA LEU A 260 8.17 13.61 13.24
C LEU A 260 8.30 12.15 13.63
N THR A 261 9.08 11.37 12.86
CA THR A 261 9.29 9.96 13.17
C THR A 261 9.83 9.79 14.61
N ARG A 262 10.83 10.61 14.97
CA ARG A 262 11.48 10.48 16.27
C ARG A 262 10.62 10.99 17.42
N TYR A 263 9.99 12.15 17.22
CA TYR A 263 9.13 12.77 18.22
C TYR A 263 7.93 11.87 18.61
N LEU A 264 7.35 11.20 17.61
CA LEU A 264 6.15 10.34 17.81
C LEU A 264 6.37 9.05 18.60
N LYS A 265 7.62 8.60 18.75
CA LYS A 265 7.90 7.36 19.47
C LYS A 265 7.45 7.36 20.93
N GLN A 266 7.38 8.55 21.54
CA GLN A 266 6.94 8.68 22.93
C GLN A 266 5.43 8.42 23.17
N PHE A 267 4.62 8.39 22.11
CA PHE A 267 3.18 8.11 22.24
C PHE A 267 2.82 6.67 21.92
N HIS A 268 1.61 6.27 22.26
CA HIS A 268 1.17 4.86 22.13
C HIS A 268 0.21 4.59 20.98
N LEU A 269 -0.36 5.64 20.38
CA LEU A 269 -1.11 5.52 19.14
C LEU A 269 -0.64 6.61 18.20
N THR A 270 -0.01 6.24 17.08
CA THR A 270 0.56 7.21 16.15
C THR A 270 0.53 6.70 14.72
N PRO A 271 0.64 7.63 13.74
CA PRO A 271 0.90 7.18 12.39
C PRO A 271 2.36 6.88 12.19
N VAL A 272 2.65 5.99 11.23
CA VAL A 272 4.01 5.77 10.76
C VAL A 272 4.03 6.21 9.30
N MET A 273 4.57 7.41 9.06
CA MET A 273 4.49 8.05 7.74
C MET A 273 5.74 7.78 6.91
N SER A 274 5.57 7.47 5.63
CA SER A 274 6.69 7.49 4.68
C SER A 274 7.09 8.95 4.39
N GLN A 275 8.22 9.13 3.74
CA GLN A 275 8.64 10.46 3.32
C GLN A 275 7.65 11.10 2.34
N GLU A 276 7.02 10.28 1.48
CA GLU A 276 5.98 10.75 0.56
C GLU A 276 4.74 11.16 1.30
N GLU A 277 4.36 10.40 2.32
CA GLU A 277 3.26 10.78 3.18
C GLU A 277 3.51 12.11 3.88
N VAL A 278 4.77 12.30 4.31
CA VAL A 278 5.15 13.56 4.97
C VAL A 278 5.02 14.74 4.01
N GLU A 279 5.47 14.55 2.78
CA GLU A 279 5.27 15.55 1.76
C GLU A 279 3.79 15.87 1.60
N HIS A 280 2.94 14.83 1.48
CA HIS A 280 1.51 15.06 1.29
C HIS A 280 0.85 15.86 2.43
N TRP A 281 1.09 15.44 3.66
CA TRP A 281 0.39 16.00 4.81
C TRP A 281 0.93 17.31 5.35
N PHE A 282 2.17 17.66 5.01
CA PHE A 282 2.79 18.87 5.58
C PHE A 282 3.20 19.97 4.61
N TYR A 283 3.48 19.61 3.34
CA TYR A 283 3.97 20.59 2.40
C TYR A 283 2.91 21.67 2.20
N PRO A 284 3.26 22.95 2.42
CA PRO A 284 2.15 23.93 2.51
C PRO A 284 1.33 24.08 1.23
N GLN A 285 0.02 24.13 1.39
CA GLN A 285 -0.89 24.46 0.31
C GLN A 285 -1.83 25.50 0.85
N GLU A 286 -1.90 26.63 0.15
CA GLU A 286 -2.68 27.78 0.59
C GLU A 286 -4.13 27.37 0.88
N ASN A 287 -4.62 27.84 2.02
CA ASN A 287 -6.00 27.55 2.52
C ASN A 287 -6.33 26.09 2.78
N ILE A 288 -5.30 25.28 3.03
CA ILE A 288 -5.47 23.84 3.33
C ILE A 288 -4.56 23.45 4.48
N ILE A 289 -3.25 23.58 4.27
CA ILE A 289 -2.28 23.16 5.28
C ILE A 289 -1.14 24.17 5.33
N ASP A 290 -0.75 24.55 6.54
CA ASP A 290 0.41 25.38 6.78
C ASP A 290 1.39 24.64 7.67
N THR A 291 2.67 24.65 7.29
CA THR A 291 3.74 24.13 8.12
C THR A 291 4.89 25.14 8.14
N PHE A 292 5.37 25.47 9.34
CA PHE A 292 6.52 26.35 9.50
C PHE A 292 7.62 25.60 10.25
N VAL A 293 8.87 25.76 9.81
CA VAL A 293 10.02 25.07 10.42
C VAL A 293 10.88 26.08 11.14
N VAL A 294 11.64 25.63 12.12
CA VAL A 294 12.64 26.46 12.78
C VAL A 294 13.98 26.02 12.27
N GLU A 295 14.67 26.91 11.57
CA GLU A 295 16.01 26.65 11.04
C GLU A 295 16.90 27.56 11.85
N ASN A 296 17.80 26.96 12.63
CA ASN A 296 18.58 27.68 13.64
C ASN A 296 19.82 28.35 13.01
N ALA A 297 20.70 28.90 13.86
CA ALA A 297 21.91 29.60 13.44
C ALA A 297 22.95 28.74 12.68
N ASN A 298 22.85 27.42 12.86
CA ASN A 298 23.66 26.41 12.15
C ASN A 298 23.10 26.02 10.78
N GLY A 299 21.89 26.47 10.44
CA GLY A 299 21.21 26.00 9.24
C GLY A 299 20.54 24.63 9.39
N GLU A 300 20.37 24.19 10.64
CA GLU A 300 19.70 22.93 10.96
C GLU A 300 18.24 23.19 11.35
N VAL A 301 17.31 22.38 10.80
CA VAL A 301 15.89 22.45 11.12
C VAL A 301 15.64 21.60 12.37
N THR A 302 15.24 22.24 13.46
CA THR A 302 15.11 21.61 14.78
C THR A 302 13.68 21.49 15.33
N ASP A 303 12.74 22.23 14.75
CA ASP A 303 11.33 22.17 15.17
C ASP A 303 10.41 22.45 13.98
N PHE A 304 9.17 21.99 14.07
CA PHE A 304 8.14 22.49 13.18
C PHE A 304 6.78 22.60 13.87
N LEU A 305 5.92 23.46 13.32
CA LEU A 305 4.53 23.57 13.72
C LEU A 305 3.69 23.42 12.47
N SER A 306 2.46 22.97 12.63
CA SER A 306 1.55 22.89 11.51
C SER A 306 0.11 22.96 11.95
N PHE A 307 -0.70 23.59 11.09
CA PHE A 307 -2.13 23.66 11.29
C PHE A 307 -2.87 23.64 9.97
N TYR A 308 -4.06 23.01 9.95
CA TYR A 308 -4.88 22.98 8.75
C TYR A 308 -6.06 23.95 8.82
N THR A 309 -6.56 24.28 7.63
CA THR A 309 -7.64 25.27 7.43
C THR A 309 -8.97 24.57 7.32
N LEU A 310 -9.92 24.89 8.20
CA LEU A 310 -11.28 24.30 8.09
C LEU A 310 -12.32 25.30 8.60
N PRO A 311 -13.02 25.98 7.67
CA PRO A 311 -14.07 26.91 8.16
C PRO A 311 -15.36 26.21 8.55
N SER A 312 -16.20 26.93 9.28
CA SER A 312 -17.54 26.45 9.60
C SER A 312 -18.59 27.43 9.07
N THR A 313 -19.60 26.91 8.38
CA THR A 313 -20.75 27.71 7.98
C THR A 313 -21.46 28.10 9.26
N ILE A 314 -21.85 29.37 9.35
CA ILE A 314 -22.66 29.86 10.46
C ILE A 314 -24.11 29.75 10.02
N MET A 315 -24.88 28.88 10.68
CA MET A 315 -26.25 28.56 10.25
C MET A 315 -27.28 29.65 10.56
N ASN A 316 -27.12 30.38 11.67
CA ASN A 316 -28.08 31.42 12.08
N LYS A 321 -21.26 34.88 7.48
CA LYS A 321 -21.55 33.64 6.78
C LYS A 321 -20.61 32.48 7.15
N SER A 322 -19.33 32.79 7.39
CA SER A 322 -18.31 31.77 7.60
C SER A 322 -17.43 32.13 8.79
N LEU A 323 -17.01 31.11 9.55
CA LEU A 323 -16.10 31.26 10.66
C LEU A 323 -14.79 30.59 10.27
N LYS A 324 -13.69 31.36 10.24
CA LYS A 324 -12.40 30.86 9.77
C LYS A 324 -11.61 30.31 10.95
N ALA A 325 -11.34 29.01 10.92
CA ALA A 325 -10.68 28.31 12.00
C ALA A 325 -9.49 27.50 11.52
N ALA A 326 -8.46 27.50 12.36
CA ALA A 326 -7.24 26.77 12.15
C ALA A 326 -7.21 25.63 13.14
N TYR A 327 -6.76 24.46 12.67
CA TYR A 327 -6.71 23.29 13.51
C TYR A 327 -5.28 22.84 13.69
N SER A 328 -4.86 22.77 14.94
CA SER A 328 -3.54 22.26 15.29
C SER A 328 -3.35 20.84 14.72
N PHE A 329 -2.20 20.60 14.12
CA PHE A 329 -1.95 19.35 13.42
C PHE A 329 -0.79 18.62 14.12
N TYR A 330 0.39 18.55 13.54
CA TYR A 330 1.54 17.99 14.27
C TYR A 330 2.57 19.09 14.57
N ASN A 331 2.98 19.16 15.84
CA ASN A 331 3.92 20.17 16.32
C ASN A 331 5.05 19.43 17.02
N VAL A 332 6.25 19.50 16.46
CA VAL A 332 7.40 18.79 16.97
C VAL A 332 8.38 19.80 17.52
N HIS A 333 8.90 19.51 18.71
CA HIS A 333 9.90 20.35 19.34
C HIS A 333 11.09 19.49 19.78
N THR A 334 12.30 19.96 19.44
CA THR A 334 13.55 19.42 20.02
C THR A 334 14.48 20.48 20.64
N GLN A 335 14.42 21.74 20.17
CA GLN A 335 15.21 22.84 20.77
C GLN A 335 14.35 24.03 21.24
N THR A 336 13.36 24.44 20.46
CA THR A 336 12.43 25.50 20.87
C THR A 336 11.43 24.94 21.89
N PRO A 337 11.21 25.63 23.05
CA PRO A 337 10.17 25.14 23.96
C PRO A 337 8.81 25.13 23.29
N LEU A 338 8.03 24.09 23.56
CA LEU A 338 6.72 23.89 22.96
C LEU A 338 5.79 25.09 23.12
N LEU A 339 5.83 25.71 24.29
CA LEU A 339 5.01 26.90 24.57
C LEU A 339 5.25 28.02 23.55
N ASP A 340 6.52 28.23 23.18
CA ASP A 340 6.92 29.25 22.21
C ASP A 340 6.44 28.90 20.81
N LEU A 341 6.70 27.66 20.39
CA LEU A 341 6.21 27.11 19.11
C LEU A 341 4.73 27.40 18.89
N MET A 342 3.94 27.06 19.90
CA MET A 342 2.50 27.16 19.82
C MET A 342 2.06 28.61 19.92
N SER A 343 2.82 29.42 20.66
CA SER A 343 2.62 30.86 20.69
C SER A 343 2.84 31.44 19.31
N ASP A 344 3.89 30.98 18.62
CA ASP A 344 4.11 31.38 17.22
C ASP A 344 3.03 30.90 16.29
N ALA A 345 2.52 29.69 16.53
CA ALA A 345 1.39 29.16 15.76
C ALA A 345 0.15 30.07 15.85
N LEU A 346 -0.17 30.52 17.06
CA LEU A 346 -1.26 31.47 17.28
C LEU A 346 -1.04 32.79 16.52
N VAL A 347 0.20 33.30 16.53
CA VAL A 347 0.52 34.56 15.85
C VAL A 347 0.36 34.42 14.34
N LEU A 348 0.89 33.34 13.78
CA LEU A 348 0.74 33.04 12.34
C LEU A 348 -0.72 32.84 11.91
N ALA A 349 -1.50 32.15 12.74
CA ALA A 349 -2.93 31.97 12.50
C ALA A 349 -3.66 33.31 12.45
N LYS A 350 -3.31 34.21 13.39
CA LYS A 350 -3.88 35.57 13.45
C LYS A 350 -3.49 36.42 12.22
N MET A 351 -2.22 36.44 11.89
CA MET A 351 -1.74 37.08 10.65
C MET A 351 -2.52 36.62 9.40
N LYS A 352 -2.84 35.34 9.33
CA LYS A 352 -3.53 34.75 8.15
C LYS A 352 -5.05 34.93 8.14
N GLY A 353 -5.59 35.62 9.13
CA GLY A 353 -7.01 36.00 9.15
C GLY A 353 -7.91 35.05 9.93
N PHE A 354 -7.34 34.03 10.58
CA PHE A 354 -8.17 33.07 11.31
C PHE A 354 -8.85 33.74 12.52
N ASP A 355 -10.09 33.32 12.78
CA ASP A 355 -10.88 33.85 13.90
C ASP A 355 -10.59 33.12 15.19
N VAL A 356 -10.20 31.86 15.07
CA VAL A 356 -9.97 31.00 16.21
C VAL A 356 -8.97 29.89 15.82
N PHE A 357 -8.19 29.46 16.81
CA PHE A 357 -7.25 28.34 16.68
C PHE A 357 -7.71 27.20 17.61
N ASN A 358 -7.90 26.01 17.04
CA ASN A 358 -8.47 24.88 17.76
C ASN A 358 -7.41 23.79 17.93
N ALA A 359 -7.49 23.09 19.07
CA ALA A 359 -6.57 22.01 19.37
C ALA A 359 -7.23 21.00 20.28
N LEU A 360 -6.70 19.77 20.26
CA LEU A 360 -7.15 18.71 21.15
C LEU A 360 -6.19 18.67 22.32
N ASP A 361 -6.53 17.91 23.36
CA ASP A 361 -5.67 17.78 24.56
C ASP A 361 -4.71 16.58 24.49
N LEU A 362 -4.41 16.14 23.27
CA LEU A 362 -3.56 14.97 23.04
C LEU A 362 -2.08 15.35 22.96
N MET A 363 -1.22 14.34 22.86
CA MET A 363 0.23 14.55 22.86
C MET A 363 0.63 15.40 24.09
N GLU A 364 1.45 16.43 23.92
CA GLU A 364 1.84 17.29 25.04
C GLU A 364 1.01 18.57 25.06
N ASN A 365 -0.14 18.58 24.40
CA ASN A 365 -0.94 19.79 24.29
C ASN A 365 -1.38 20.36 25.65
N LYS A 366 -1.71 19.51 26.63
CA LYS A 366 -2.04 19.99 27.99
C LYS A 366 -0.98 20.86 28.65
N THR A 367 0.31 20.71 28.25
CA THR A 367 1.36 21.55 28.81
C THR A 367 1.27 23.02 28.40
N PHE A 368 0.59 23.34 27.29
CA PHE A 368 0.47 24.72 26.81
C PHE A 368 -0.94 25.30 26.72
N LEU A 369 -1.98 24.47 26.81
CA LEU A 369 -3.34 24.91 26.50
C LEU A 369 -3.78 26.04 27.43
N GLU A 370 -3.73 25.81 28.73
CA GLU A 370 -4.15 26.83 29.71
C GLU A 370 -3.23 28.06 29.64
N LYS A 371 -1.91 27.83 29.59
CA LYS A 371 -0.92 28.92 29.55
C LYS A 371 -1.04 29.88 28.34
N LEU A 372 -1.56 29.40 27.20
CA LEU A 372 -1.76 30.25 26.01
C LEU A 372 -3.21 30.72 25.84
N LYS A 373 -4.00 30.62 26.92
CA LYS A 373 -5.34 31.16 26.99
C LYS A 373 -6.33 30.45 26.04
N PHE A 374 -6.12 29.14 25.86
CA PHE A 374 -7.15 28.29 25.28
C PHE A 374 -8.30 28.16 26.32
N GLY A 375 -9.54 28.23 25.85
CA GLY A 375 -10.71 27.80 26.62
C GLY A 375 -11.15 26.40 26.21
N ILE A 376 -11.63 25.61 27.17
CA ILE A 376 -12.12 24.25 26.90
C ILE A 376 -13.51 24.31 26.24
N GLY A 377 -13.79 23.37 25.35
CA GLY A 377 -15.10 23.30 24.70
C GLY A 377 -15.95 22.23 25.34
N ASP A 378 -17.19 22.13 24.86
CA ASP A 378 -18.08 21.03 25.18
C ASP A 378 -17.91 19.99 24.07
N GLY A 379 -18.17 18.74 24.41
CA GLY A 379 -17.97 17.62 23.49
C GLY A 379 -16.73 16.83 23.86
N ASN A 380 -16.72 15.58 23.42
CA ASN A 380 -15.60 14.68 23.54
C ASN A 380 -15.33 14.13 22.15
N LEU A 381 -14.07 13.90 21.84
CA LEU A 381 -13.71 13.15 20.66
C LEU A 381 -13.15 11.82 21.11
N GLN A 382 -13.85 10.77 20.73
CA GLN A 382 -13.51 9.43 21.11
C GLN A 382 -12.62 8.86 19.99
N TYR A 383 -11.55 8.17 20.37
CA TYR A 383 -10.66 7.46 19.43
C TYR A 383 -10.96 5.98 19.50
N TYR A 384 -10.94 5.33 18.34
CA TYR A 384 -11.39 3.95 18.19
C TYR A 384 -10.51 3.17 17.25
N LEU A 385 -10.38 1.89 17.59
CA LEU A 385 -9.78 0.87 16.72
C LEU A 385 -10.84 -0.17 16.44
N TYR A 386 -10.91 -0.56 15.17
CA TYR A 386 -11.71 -1.68 14.69
C TYR A 386 -10.85 -2.94 14.67
N ASN A 387 -11.36 -4.02 15.25
CA ASN A 387 -10.72 -5.35 15.22
C ASN A 387 -9.32 -5.32 15.83
N TRP A 388 -9.18 -4.56 16.92
CA TRP A 388 -7.95 -4.57 17.71
C TRP A 388 -8.34 -4.35 19.17
N LYS A 389 -8.06 -5.35 20.01
CA LYS A 389 -8.22 -5.31 21.45
C LYS A 389 -6.89 -4.81 22.05
N CYS A 390 -6.94 -3.72 22.79
CA CYS A 390 -5.79 -3.22 23.56
C CYS A 390 -6.24 -2.36 24.74
N PRO A 391 -5.37 -2.13 25.74
CA PRO A 391 -5.77 -1.25 26.85
C PRO A 391 -6.05 0.15 26.36
N SER A 392 -6.94 0.85 27.06
CA SER A 392 -7.14 2.27 26.82
C SER A 392 -5.88 3.02 27.26
N MET A 393 -5.76 4.27 26.82
CA MET A 393 -4.66 5.16 27.19
C MET A 393 -5.25 6.54 27.47
N GLY A 394 -4.52 7.34 28.24
CA GLY A 394 -4.81 8.77 28.41
C GLY A 394 -4.62 9.53 27.11
N ALA A 395 -5.30 10.67 26.99
CA ALA A 395 -5.15 11.59 25.86
C ALA A 395 -3.67 11.91 25.55
N GLU A 396 -2.88 12.13 26.59
CA GLU A 396 -1.46 12.49 26.45
C GLU A 396 -0.59 11.44 25.74
N LYS A 397 -1.08 10.19 25.67
CA LYS A 397 -0.43 9.13 24.92
C LYS A 397 -1.02 8.88 23.53
N VAL A 398 -2.12 9.57 23.17
CA VAL A 398 -2.65 9.57 21.80
C VAL A 398 -1.79 10.52 20.97
N GLY A 399 -1.26 10.04 19.83
CA GLY A 399 -0.38 10.82 18.96
C GLY A 399 -0.78 10.72 17.50
N LEU A 400 -2.08 10.84 17.27
CA LEU A 400 -2.68 10.70 15.97
C LEU A 400 -3.73 11.79 15.78
N VAL A 401 -3.61 12.55 14.70
CA VAL A 401 -4.45 13.70 14.44
C VAL A 401 -4.99 13.53 13.04
N LEU A 402 -6.33 13.50 12.94
CA LEU A 402 -7.04 13.30 11.68
C LEU A 402 -7.66 14.61 11.19
N GLN A 403 -8.20 14.57 9.97
CA GLN A 403 -8.73 15.75 9.29
C GLN A 403 -10.19 15.97 9.61
N SER B 23 35.30 -11.01 -3.88
CA SER B 23 34.77 -9.71 -3.35
C SER B 23 33.64 -9.16 -4.24
N TYR B 24 32.77 -8.38 -3.64
CA TYR B 24 31.63 -7.79 -4.33
C TYR B 24 31.62 -6.29 -4.10
N GLN B 25 32.20 -5.57 -5.06
CA GLN B 25 32.40 -4.12 -4.99
C GLN B 25 31.11 -3.34 -4.70
N PHE B 26 30.01 -3.72 -5.37
CA PHE B 26 28.68 -3.15 -5.08
C PHE B 26 28.04 -3.81 -3.86
N TRP B 27 27.93 -5.14 -3.91
CA TRP B 27 27.11 -5.86 -2.93
C TRP B 27 27.63 -5.88 -1.49
N ASP B 28 28.93 -5.70 -1.30
CA ASP B 28 29.54 -5.55 0.05
C ASP B 28 29.16 -4.24 0.75
N THR B 29 28.70 -3.26 -0.02
CA THR B 29 28.22 -1.99 0.52
C THR B 29 26.75 -2.03 0.96
N GLN B 30 26.03 -3.09 0.59
CA GLN B 30 24.59 -3.17 0.77
C GLN B 30 24.21 -3.89 2.06
N PRO B 31 22.96 -3.67 2.56
CA PRO B 31 22.50 -4.30 3.78
C PRO B 31 22.01 -5.74 3.53
N VAL B 32 22.98 -6.64 3.38
CA VAL B 32 22.73 -8.07 3.09
C VAL B 32 23.84 -8.86 3.81
N PRO B 33 23.56 -10.11 4.25
CA PRO B 33 24.64 -10.87 4.90
C PRO B 33 25.79 -11.23 3.95
N LYS B 34 26.97 -11.47 4.51
CA LYS B 34 28.11 -11.99 3.75
C LYS B 34 27.80 -13.43 3.34
N LEU B 35 28.23 -13.83 2.14
CA LEU B 35 28.32 -15.24 1.74
C LEU B 35 29.12 -16.06 2.74
N GLY B 36 28.60 -17.21 3.17
CA GLY B 36 29.24 -18.02 4.21
C GLY B 36 29.21 -17.42 5.62
N GLU B 37 28.24 -16.55 5.90
CA GLU B 37 27.97 -16.11 7.25
C GLU B 37 26.85 -16.98 7.76
N VAL B 38 27.11 -17.80 8.76
CA VAL B 38 26.04 -18.56 9.41
C VAL B 38 25.12 -17.57 10.11
N VAL B 39 23.89 -17.43 9.62
CA VAL B 39 22.90 -16.55 10.25
C VAL B 39 22.02 -17.34 11.23
N ASN B 40 22.07 -16.98 12.52
CA ASN B 40 21.12 -17.51 13.51
C ASN B 40 20.07 -16.51 14.01
N THR B 41 20.17 -15.25 13.56
CA THR B 41 19.27 -14.15 14.00
C THR B 41 18.18 -13.92 12.96
N HIS B 42 17.21 -13.05 13.30
CA HIS B 42 16.13 -12.67 12.39
C HIS B 42 15.86 -11.19 12.51
N GLY B 43 16.16 -10.44 11.47
CA GLY B 43 15.78 -9.04 11.47
C GLY B 43 16.43 -8.21 10.40
N PRO B 44 16.10 -6.89 10.39
CA PRO B 44 16.76 -6.00 9.46
C PRO B 44 18.26 -5.85 9.73
N VAL B 45 19.01 -5.63 8.65
CA VAL B 45 20.46 -5.49 8.70
C VAL B 45 20.83 -4.09 9.19
N GLU B 46 20.08 -3.08 8.74
CA GLU B 46 20.34 -1.70 9.08
C GLU B 46 19.07 -0.98 9.57
N PRO B 47 19.21 0.19 10.22
CA PRO B 47 18.04 0.98 10.62
C PRO B 47 17.24 1.50 9.43
N ASP B 48 15.92 1.59 9.60
CA ASP B 48 15.06 2.28 8.65
C ASP B 48 15.57 3.70 8.49
N LYS B 49 15.80 4.11 7.24
CA LYS B 49 16.20 5.46 6.92
C LYS B 49 15.01 6.38 7.18
N ASP B 50 15.18 7.40 8.03
CA ASP B 50 14.11 8.35 8.34
C ASP B 50 14.42 9.73 7.77
N ASN B 51 15.24 9.74 6.73
CA ASN B 51 15.73 10.94 6.10
C ASN B 51 16.24 10.38 4.77
N ILE B 52 15.48 10.59 3.70
CA ILE B 52 15.78 9.93 2.42
C ILE B 52 16.20 10.94 1.35
N ARG B 53 17.34 10.61 0.71
CA ARG B 53 17.86 11.33 -0.46
C ARG B 53 16.75 11.68 -1.44
N GLN B 54 16.54 12.98 -1.71
CA GLN B 54 15.46 13.41 -2.60
C GLN B 54 15.82 13.45 -4.09
N GLU B 55 17.13 13.47 -4.38
CA GLU B 55 17.58 13.68 -5.74
C GLU B 55 17.91 12.31 -6.33
N PRO B 56 17.50 12.07 -7.60
CA PRO B 56 17.91 10.82 -8.26
C PRO B 56 19.43 10.64 -8.24
N TYR B 57 19.88 9.40 -8.20
CA TYR B 57 21.31 9.12 -8.39
C TYR B 57 21.71 9.53 -9.81
N THR B 58 22.96 9.96 -9.92
CA THR B 58 23.45 10.54 -11.16
C THR B 58 23.82 9.41 -12.13
N LEU B 59 23.29 9.50 -13.35
CA LEU B 59 23.66 8.55 -14.40
C LEU B 59 24.92 9.07 -15.10
N PRO B 60 25.62 8.21 -15.86
CA PRO B 60 26.69 8.68 -16.76
C PRO B 60 26.18 9.74 -17.74
N GLN B 61 27.09 10.59 -18.24
CA GLN B 61 26.74 11.62 -19.22
C GLN B 61 26.07 11.00 -20.47
N GLY B 62 25.05 11.68 -20.98
CA GLY B 62 24.27 11.23 -22.14
C GLY B 62 23.08 10.32 -21.83
N PHE B 63 22.79 10.11 -20.54
CA PHE B 63 21.71 9.25 -20.10
C PHE B 63 20.84 10.00 -19.08
N THR B 64 19.55 9.64 -19.03
CA THR B 64 18.59 10.28 -18.12
C THR B 64 17.52 9.29 -17.65
N TRP B 65 16.99 9.55 -16.45
CA TRP B 65 15.89 8.78 -15.89
C TRP B 65 14.60 9.10 -16.61
N ASP B 66 13.75 8.07 -16.78
CA ASP B 66 12.40 8.28 -17.27
C ASP B 66 11.44 7.23 -16.75
N ALA B 67 10.50 7.67 -15.92
CA ALA B 67 9.41 6.83 -15.43
C ALA B 67 8.55 6.47 -16.62
N LEU B 68 8.34 5.18 -16.84
CA LEU B 68 7.69 4.70 -18.07
C LEU B 68 6.21 4.50 -17.82
N ASP B 69 5.36 5.22 -18.54
CA ASP B 69 3.90 5.04 -18.45
C ASP B 69 3.50 3.88 -19.37
N LEU B 70 3.26 2.71 -18.78
CA LEU B 70 2.96 1.48 -19.54
C LEU B 70 1.53 1.46 -20.06
N GLY B 71 0.69 2.41 -19.61
CA GLY B 71 -0.62 2.67 -20.20
C GLY B 71 -0.55 3.36 -21.56
N ASP B 72 0.61 3.91 -21.90
CA ASP B 72 0.89 4.47 -23.22
C ASP B 72 1.48 3.35 -24.07
N ARG B 73 0.74 2.93 -25.09
CA ARG B 73 1.10 1.77 -25.92
C ARG B 73 2.51 1.88 -26.55
N GLY B 74 2.85 3.07 -27.01
CA GLY B 74 4.19 3.36 -27.53
C GLY B 74 5.31 3.11 -26.52
N VAL B 75 5.14 3.58 -25.29
CA VAL B 75 6.14 3.40 -24.22
C VAL B 75 6.25 1.91 -23.82
N LEU B 76 5.11 1.23 -23.72
CA LEU B 76 5.09 -0.19 -23.44
C LEU B 76 5.86 -0.96 -24.52
N LYS B 77 5.61 -0.63 -25.77
CA LYS B 77 6.33 -1.26 -26.88
C LYS B 77 7.83 -1.12 -26.73
N GLU B 78 8.29 0.10 -26.41
CA GLU B 78 9.72 0.37 -26.21
C GLU B 78 10.34 -0.50 -25.12
N LEU B 79 9.60 -0.69 -24.02
CA LEU B 79 10.05 -1.61 -22.96
C LEU B 79 10.10 -3.04 -23.47
N TYR B 80 9.05 -3.42 -24.20
CA TYR B 80 8.99 -4.77 -24.78
C TYR B 80 10.25 -5.05 -25.63
N THR B 81 10.62 -4.10 -26.47
CA THR B 81 11.76 -4.21 -27.38
C THR B 81 13.08 -4.28 -26.61
N LEU B 82 13.23 -3.42 -25.58
CA LEU B 82 14.42 -3.44 -24.73
C LEU B 82 14.66 -4.83 -24.17
N LEU B 83 13.62 -5.40 -23.54
CA LEU B 83 13.72 -6.70 -22.89
C LEU B 83 13.80 -7.82 -23.94
N ASN B 84 13.00 -7.73 -25.01
CA ASN B 84 13.07 -8.70 -26.12
C ASN B 84 14.51 -8.83 -26.62
N GLU B 85 15.18 -7.70 -26.82
CA GLU B 85 16.55 -7.64 -27.35
C GLU B 85 17.66 -7.72 -26.29
N ASN B 86 17.35 -7.48 -25.00
CA ASN B 86 18.42 -7.38 -23.98
C ASN B 86 18.21 -8.08 -22.66
N TYR B 87 17.14 -8.82 -22.47
CA TYR B 87 16.85 -9.42 -21.15
C TYR B 87 17.57 -10.78 -21.00
N VAL B 88 17.08 -11.65 -20.12
CA VAL B 88 17.84 -12.79 -19.65
C VAL B 88 17.96 -13.80 -20.79
N GLU B 89 19.16 -14.33 -20.95
CA GLU B 89 19.42 -15.48 -21.81
C GLU B 89 19.74 -16.70 -20.94
N ASP B 90 19.58 -17.89 -21.50
CA ASP B 90 20.04 -19.10 -20.84
C ASP B 90 21.58 -19.18 -20.84
N ASP B 91 22.12 -20.06 -20.01
CA ASP B 91 23.58 -20.25 -19.89
C ASP B 91 24.32 -20.42 -21.22
N ASP B 92 23.72 -21.13 -22.18
CA ASP B 92 24.36 -21.32 -23.50
C ASP B 92 24.11 -20.21 -24.52
N ASN B 93 23.34 -19.19 -24.16
CA ASN B 93 23.06 -18.03 -25.03
C ASN B 93 22.43 -18.44 -26.35
N MET B 94 21.44 -19.33 -26.26
CA MET B 94 20.67 -19.79 -27.43
C MET B 94 19.21 -19.33 -27.41
N PHE B 95 18.70 -19.00 -26.21
CA PHE B 95 17.33 -18.51 -26.05
C PHE B 95 17.33 -17.25 -25.20
N ARG B 96 16.40 -16.34 -25.47
CA ARG B 96 16.15 -15.16 -24.65
C ARG B 96 14.65 -15.06 -24.39
N PHE B 97 14.26 -14.82 -23.12
CA PHE B 97 12.86 -14.62 -22.78
C PHE B 97 12.25 -13.53 -23.65
N ASP B 98 11.01 -13.72 -24.05
CA ASP B 98 10.28 -12.78 -24.90
C ASP B 98 8.95 -12.46 -24.23
N TYR B 99 9.03 -11.70 -23.15
CA TYR B 99 7.85 -11.29 -22.40
C TYR B 99 6.97 -10.42 -23.29
N SER B 100 5.69 -10.74 -23.43
CA SER B 100 4.80 -9.97 -24.30
C SER B 100 4.38 -8.62 -23.64
N PRO B 101 3.94 -7.64 -24.47
CA PRO B 101 3.40 -6.39 -23.91
C PRO B 101 2.32 -6.60 -22.83
N GLU B 102 1.42 -7.53 -23.09
CA GLU B 102 0.26 -7.78 -22.24
C GLU B 102 0.71 -8.47 -20.95
N PHE B 103 1.66 -9.39 -21.08
CA PHE B 103 2.29 -10.02 -19.93
C PHE B 103 2.95 -8.98 -19.01
N LEU B 104 3.73 -8.08 -19.62
CA LEU B 104 4.41 -7.04 -18.85
C LEU B 104 3.40 -6.16 -18.07
N LEU B 105 2.26 -5.82 -18.68
CA LEU B 105 1.22 -5.08 -17.97
C LEU B 105 0.65 -5.82 -16.75
N TRP B 106 0.43 -7.12 -16.90
CA TRP B 106 -0.02 -8.01 -15.81
C TRP B 106 1.02 -8.02 -14.70
N ALA B 107 2.28 -8.23 -15.07
CA ALA B 107 3.36 -8.37 -14.08
C ALA B 107 3.73 -7.08 -13.37
N LEU B 108 3.53 -5.94 -14.03
CA LEU B 108 4.04 -4.64 -13.55
C LEU B 108 2.94 -3.69 -13.08
N ARG B 109 1.68 -4.00 -13.38
CA ARG B 109 0.55 -3.26 -12.83
C ARG B 109 -0.39 -4.12 -11.96
N PRO B 110 0.16 -4.85 -10.96
CA PRO B 110 -0.73 -5.49 -9.99
C PRO B 110 -1.30 -4.45 -9.02
N PRO B 111 -2.17 -4.84 -8.10
CA PRO B 111 -2.64 -3.85 -7.09
C PRO B 111 -1.53 -3.16 -6.28
N GLY B 112 -1.62 -1.84 -6.12
CA GLY B 112 -0.60 -1.04 -5.46
C GLY B 112 0.63 -0.65 -6.31
N TRP B 113 0.66 -1.01 -7.61
CA TRP B 113 1.75 -0.58 -8.49
C TRP B 113 1.88 0.94 -8.45
N LEU B 114 3.08 1.46 -8.56
CA LEU B 114 3.31 2.92 -8.58
C LEU B 114 4.08 3.30 -9.83
N PRO B 115 3.72 4.42 -10.48
CA PRO B 115 4.37 4.78 -11.75
C PRO B 115 5.88 5.02 -11.58
N GLN B 116 6.26 5.62 -10.47
CA GLN B 116 7.69 5.91 -10.21
C GLN B 116 8.56 4.64 -10.01
N TRP B 117 7.93 3.50 -9.77
CA TRP B 117 8.64 2.22 -9.66
C TRP B 117 8.80 1.48 -11.01
N HIS B 118 8.44 2.13 -12.13
CA HIS B 118 8.73 1.63 -13.48
C HIS B 118 9.85 2.50 -14.03
N CYS B 119 11.07 2.14 -13.60
CA CYS B 119 12.20 3.05 -13.66
C CYS B 119 13.04 2.75 -14.91
N GLY B 120 12.89 3.58 -15.93
CA GLY B 120 13.68 3.49 -17.14
C GLY B 120 14.86 4.44 -17.21
N VAL B 121 15.78 4.13 -18.14
CA VAL B 121 16.94 4.93 -18.45
C VAL B 121 16.92 5.12 -19.97
N ARG B 122 17.11 6.37 -20.41
CA ARG B 122 17.06 6.72 -21.81
C ARG B 122 18.30 7.49 -22.19
N VAL B 123 18.72 7.31 -23.45
CA VAL B 123 19.78 8.13 -24.03
C VAL B 123 19.19 9.53 -24.25
N VAL B 124 19.97 10.55 -23.90
CA VAL B 124 19.49 11.94 -23.89
C VAL B 124 19.20 12.43 -25.31
N SER B 125 20.17 12.28 -26.20
CA SER B 125 20.06 12.76 -27.60
C SER B 125 18.91 12.14 -28.42
N SER B 126 18.83 10.80 -28.42
CA SER B 126 17.84 10.06 -29.21
C SER B 126 16.58 9.64 -28.45
N ARG B 127 16.59 9.72 -27.12
CA ARG B 127 15.53 9.16 -26.29
C ARG B 127 15.42 7.63 -26.29
N LYS B 128 16.40 6.91 -26.87
CA LYS B 128 16.35 5.45 -26.93
C LYS B 128 16.35 4.86 -25.54
N LEU B 129 15.42 3.94 -25.29
CA LEU B 129 15.34 3.26 -23.99
C LEU B 129 16.45 2.22 -23.88
N VAL B 130 17.36 2.41 -22.94
CA VAL B 130 18.55 1.56 -22.79
C VAL B 130 18.68 0.86 -21.42
N GLY B 131 17.77 1.15 -20.50
CA GLY B 131 17.84 0.56 -19.16
C GLY B 131 16.50 0.48 -18.49
N PHE B 132 16.34 -0.51 -17.62
CA PHE B 132 15.08 -0.66 -16.87
C PHE B 132 15.29 -1.38 -15.55
N ILE B 133 14.46 -1.03 -14.57
CA ILE B 133 14.30 -1.81 -13.34
C ILE B 133 12.90 -1.49 -12.81
N SER B 134 12.30 -2.44 -12.08
CA SER B 134 10.94 -2.28 -11.54
C SER B 134 10.80 -2.80 -10.12
N ALA B 135 9.88 -2.17 -9.39
CA ALA B 135 9.41 -2.65 -8.10
C ALA B 135 7.89 -2.76 -8.14
N ILE B 136 7.37 -3.83 -7.56
CA ILE B 136 5.94 -3.95 -7.25
C ILE B 136 5.80 -4.30 -5.78
N PRO B 137 4.74 -3.77 -5.14
CA PRO B 137 4.61 -4.06 -3.70
C PRO B 137 4.14 -5.48 -3.46
N ALA B 138 4.54 -6.05 -2.34
CA ALA B 138 4.07 -7.36 -1.94
C ALA B 138 4.21 -7.49 -0.43
N ASN B 139 3.25 -8.17 0.19
CA ASN B 139 3.37 -8.54 1.57
C ASN B 139 3.99 -9.92 1.61
N ILE B 140 5.12 -10.04 2.30
CA ILE B 140 5.90 -11.26 2.34
C ILE B 140 5.94 -11.86 3.76
N HIS B 141 5.62 -13.14 3.85
CA HIS B 141 5.77 -13.92 5.08
C HIS B 141 7.16 -14.59 5.01
N ILE B 142 8.01 -14.27 5.99
CA ILE B 142 9.36 -14.85 6.09
C ILE B 142 9.52 -15.34 7.51
N TYR B 143 9.47 -16.68 7.65
CA TYR B 143 9.46 -17.35 8.94
C TYR B 143 8.32 -16.82 9.85
N ASP B 144 8.65 -16.20 10.99
CA ASP B 144 7.64 -15.78 11.98
C ASP B 144 7.20 -14.33 11.73
N THR B 145 7.62 -13.72 10.62
CA THR B 145 7.41 -12.30 10.39
C THR B 145 6.70 -12.08 9.05
N GLU B 146 5.75 -11.15 9.06
CA GLU B 146 5.11 -10.68 7.86
C GLU B 146 5.48 -9.20 7.69
N LYS B 147 6.04 -8.87 6.52
CA LYS B 147 6.56 -7.55 6.18
C LYS B 147 6.01 -7.09 4.85
N LYS B 148 5.62 -5.82 4.77
CA LYS B 148 5.40 -5.16 3.51
C LYS B 148 6.78 -4.98 2.81
N MET B 149 6.89 -5.49 1.61
CA MET B 149 8.15 -5.47 0.86
C MET B 149 7.87 -5.01 -0.56
N VAL B 150 8.90 -5.01 -1.38
CA VAL B 150 8.73 -4.95 -2.82
C VAL B 150 9.41 -6.13 -3.44
N GLU B 151 8.96 -6.43 -4.64
CA GLU B 151 9.57 -7.45 -5.50
C GLU B 151 10.25 -6.71 -6.62
N ILE B 152 11.55 -6.96 -6.79
CA ILE B 152 12.32 -6.28 -7.84
C ILE B 152 12.44 -7.21 -9.04
N ASN B 153 12.04 -6.73 -10.21
CA ASN B 153 12.11 -7.55 -11.40
C ASN B 153 12.48 -6.70 -12.62
N PHE B 154 12.87 -7.40 -13.69
CA PHE B 154 13.12 -6.78 -14.99
C PHE B 154 14.27 -5.79 -15.02
N LEU B 155 15.30 -6.04 -14.20
CA LEU B 155 16.56 -5.31 -14.28
C LEU B 155 17.15 -5.65 -15.65
N CYS B 156 17.44 -4.62 -16.43
CA CYS B 156 17.96 -4.81 -17.78
C CYS B 156 18.79 -3.60 -18.17
N VAL B 157 20.02 -3.84 -18.57
CA VAL B 157 20.85 -2.82 -19.22
C VAL B 157 21.12 -3.27 -20.66
N HIS B 158 21.00 -2.35 -21.62
CA HIS B 158 21.27 -2.63 -23.05
C HIS B 158 22.64 -3.28 -23.24
N LYS B 159 22.73 -4.26 -24.14
CA LYS B 159 23.98 -5.01 -24.39
C LYS B 159 25.20 -4.12 -24.60
N LYS B 160 25.00 -2.99 -25.27
CA LYS B 160 26.10 -2.07 -25.58
C LYS B 160 26.55 -1.22 -24.38
N LEU B 161 25.75 -1.22 -23.30
CA LEU B 161 26.08 -0.55 -22.04
C LEU B 161 26.57 -1.52 -20.95
N ARG B 162 26.90 -2.76 -21.29
CA ARG B 162 27.25 -3.77 -20.29
C ARG B 162 28.63 -3.54 -19.70
N SER B 163 28.78 -3.83 -18.41
CA SER B 163 30.05 -3.78 -17.68
C SER B 163 30.57 -2.34 -17.52
N LYS B 164 29.62 -1.43 -17.31
CA LYS B 164 29.88 0.00 -17.11
C LYS B 164 29.31 0.50 -15.77
N ARG B 165 29.03 -0.42 -14.86
CA ARG B 165 28.43 -0.09 -13.56
C ARG B 165 27.10 0.71 -13.61
N VAL B 166 26.28 0.45 -14.63
CA VAL B 166 24.93 1.05 -14.71
C VAL B 166 23.96 0.28 -13.82
N ALA B 167 24.17 -1.01 -13.63
CA ALA B 167 23.28 -1.82 -12.84
C ALA B 167 23.20 -1.38 -11.35
N PRO B 168 24.35 -1.13 -10.68
CA PRO B 168 24.33 -0.54 -9.34
C PRO B 168 23.58 0.79 -9.24
N VAL B 169 23.64 1.60 -10.29
CA VAL B 169 22.92 2.87 -10.30
C VAL B 169 21.41 2.57 -10.36
N LEU B 170 21.02 1.62 -11.21
CA LEU B 170 19.61 1.21 -11.31
C LEU B 170 19.08 0.65 -9.97
N ILE B 171 19.92 -0.13 -9.29
CA ILE B 171 19.56 -0.75 -8.03
C ILE B 171 19.43 0.28 -6.89
N ARG B 172 20.42 1.18 -6.78
CA ARG B 172 20.39 2.25 -5.81
C ARG B 172 19.19 3.19 -5.99
N GLU B 173 18.87 3.52 -7.25
CA GLU B 173 17.74 4.40 -7.57
C GLU B 173 16.37 3.78 -7.25
N ILE B 174 16.16 2.51 -7.58
CA ILE B 174 14.90 1.86 -7.19
C ILE B 174 14.81 1.77 -5.65
N THR B 175 15.95 1.50 -4.98
CA THR B 175 15.99 1.45 -3.52
C THR B 175 15.53 2.77 -2.87
N ARG B 176 16.11 3.87 -3.34
CA ARG B 176 15.71 5.22 -2.96
C ARG B 176 14.22 5.44 -3.19
N ARG B 177 13.72 5.12 -4.39
CA ARG B 177 12.30 5.30 -4.71
C ARG B 177 11.36 4.45 -3.87
N VAL B 178 11.84 3.27 -3.46
CA VAL B 178 11.09 2.38 -2.57
C VAL B 178 11.14 2.91 -1.11
N HIS B 179 12.32 3.34 -0.65
CA HIS B 179 12.51 3.99 0.63
C HIS B 179 11.59 5.22 0.83
N LEU B 180 11.36 5.97 -0.25
CA LEU B 180 10.48 7.14 -0.18
C LEU B 180 9.05 6.76 0.22
N GLU B 181 8.63 5.56 -0.16
CA GLU B 181 7.30 5.04 0.13
C GLU B 181 7.21 4.20 1.43
N GLY B 182 8.25 4.27 2.26
CA GLY B 182 8.25 3.68 3.59
C GLY B 182 8.50 2.21 3.64
N ILE B 183 9.14 1.64 2.60
CA ILE B 183 9.40 0.22 2.54
C ILE B 183 10.91 0.01 2.61
N PHE B 184 11.36 -0.92 3.45
CA PHE B 184 12.76 -1.08 3.77
C PHE B 184 13.33 -2.50 3.50
N GLN B 185 12.50 -3.39 2.97
CA GLN B 185 12.91 -4.72 2.56
C GLN B 185 12.42 -5.05 1.15
N ALA B 186 13.15 -5.96 0.50
CA ALA B 186 12.79 -6.45 -0.82
C ALA B 186 13.07 -7.93 -0.94
N VAL B 187 12.36 -8.55 -1.89
CA VAL B 187 12.62 -9.90 -2.30
C VAL B 187 12.93 -9.86 -3.81
N TYR B 188 13.85 -10.72 -4.23
CA TYR B 188 14.22 -10.81 -5.64
C TYR B 188 14.91 -12.14 -5.89
N THR B 189 15.00 -12.51 -7.17
CA THR B 189 15.76 -13.70 -7.59
C THR B 189 16.71 -13.34 -8.69
N ALA B 190 17.76 -14.15 -8.83
CA ALA B 190 18.75 -14.05 -9.94
C ALA B 190 19.41 -15.40 -10.19
N GLY B 191 19.98 -15.54 -11.39
CA GLY B 191 20.72 -16.74 -11.77
C GLY B 191 22.15 -16.74 -11.25
N VAL B 192 22.63 -15.57 -10.81
CA VAL B 192 24.00 -15.40 -10.31
C VAL B 192 24.04 -15.48 -8.77
N VAL B 193 25.20 -15.90 -8.25
CA VAL B 193 25.43 -15.96 -6.82
C VAL B 193 25.86 -14.57 -6.32
N LEU B 194 25.07 -14.03 -5.40
CA LEU B 194 25.32 -12.77 -4.71
C LEU B 194 25.20 -13.02 -3.21
N PRO B 195 25.76 -12.12 -2.37
CA PRO B 195 25.50 -12.24 -0.93
C PRO B 195 24.06 -11.81 -0.62
N LYS B 196 23.23 -12.61 0.05
CA LYS B 196 23.43 -14.04 0.33
C LYS B 196 22.10 -14.72 0.04
N PRO B 197 22.12 -15.85 -0.70
CA PRO B 197 20.84 -16.49 -1.02
C PRO B 197 20.10 -17.01 0.22
N VAL B 198 18.80 -16.71 0.32
CA VAL B 198 17.94 -17.31 1.35
C VAL B 198 17.49 -18.70 0.95
N GLY B 199 17.45 -18.97 -0.36
CA GLY B 199 17.21 -20.29 -0.89
C GLY B 199 17.79 -20.41 -2.29
N THR B 200 17.93 -21.65 -2.74
CA THR B 200 18.47 -21.95 -4.07
C THR B 200 17.56 -22.97 -4.69
N CYS B 201 17.02 -22.64 -5.85
CA CYS B 201 16.20 -23.54 -6.66
C CYS B 201 16.92 -24.00 -7.92
N ARG B 202 16.32 -25.01 -8.52
CA ARG B 202 16.83 -25.71 -9.67
C ARG B 202 15.73 -25.69 -10.72
N TYR B 203 16.10 -25.49 -11.99
CA TYR B 203 15.16 -25.50 -13.11
C TYR B 203 14.90 -26.92 -13.60
N TRP B 204 13.62 -27.28 -13.75
CA TRP B 204 13.23 -28.54 -14.40
C TRP B 204 12.25 -28.27 -15.56
N HIS B 205 12.43 -29.04 -16.65
CA HIS B 205 11.64 -28.92 -17.88
C HIS B 205 10.94 -30.24 -18.23
N ARG B 206 9.72 -30.14 -18.75
CA ARG B 206 8.95 -31.30 -19.21
C ARG B 206 8.65 -31.10 -20.71
N SER B 207 9.24 -31.94 -21.57
CA SER B 207 9.02 -31.88 -23.02
C SER B 207 7.57 -32.19 -23.35
N LEU B 208 6.96 -31.31 -24.15
CA LEU B 208 5.61 -31.51 -24.70
C LEU B 208 5.65 -31.77 -26.20
N ASN B 209 6.48 -31.02 -26.94
CA ASN B 209 6.71 -31.24 -28.36
C ASN B 209 8.21 -31.54 -28.54
N PRO B 210 8.65 -32.77 -28.19
CA PRO B 210 10.09 -33.07 -28.21
C PRO B 210 10.77 -32.91 -29.58
N ARG B 211 10.05 -33.05 -30.69
CA ARG B 211 10.65 -32.86 -32.03
C ARG B 211 11.16 -31.42 -32.22
N LYS B 212 10.32 -30.44 -31.83
CA LYS B 212 10.72 -29.04 -31.91
C LYS B 212 11.83 -28.72 -30.92
N LEU B 213 11.71 -29.20 -29.68
CA LEU B 213 12.75 -28.97 -28.68
C LEU B 213 14.11 -29.50 -29.14
N ILE B 214 14.12 -30.64 -29.81
CA ILE B 214 15.38 -31.20 -30.33
C ILE B 214 15.87 -30.41 -31.56
N GLU B 215 14.98 -30.08 -32.49
CA GLU B 215 15.34 -29.29 -33.68
C GLU B 215 15.87 -27.87 -33.36
N VAL B 216 15.38 -27.27 -32.26
CA VAL B 216 15.90 -25.96 -31.78
C VAL B 216 17.04 -26.07 -30.75
N LYS B 217 17.46 -27.30 -30.43
CA LYS B 217 18.57 -27.57 -29.50
C LYS B 217 18.29 -27.14 -28.05
N PHE B 218 17.02 -27.17 -27.63
CA PHE B 218 16.66 -26.99 -26.21
C PHE B 218 16.93 -28.30 -25.45
N SER B 219 16.57 -29.41 -26.07
CA SER B 219 16.91 -30.75 -25.57
C SER B 219 17.79 -31.45 -26.61
N HIS B 220 18.38 -32.59 -26.23
N MET B 227 14.94 -40.58 -31.66
CA MET B 227 13.63 -40.10 -32.09
C MET B 227 12.73 -41.28 -32.49
N GLN B 228 11.41 -41.07 -32.31
CA GLN B 228 10.35 -42.09 -32.41
C GLN B 228 10.04 -42.58 -30.99
N ARG B 229 11.06 -43.18 -30.35
CA ARG B 229 10.99 -43.57 -28.94
C ARG B 229 10.74 -42.38 -28.00
N THR B 230 11.38 -41.24 -28.29
CA THR B 230 11.29 -40.03 -27.50
C THR B 230 9.92 -39.37 -27.58
N MET B 231 9.30 -39.39 -28.76
CA MET B 231 7.93 -38.90 -28.95
C MET B 231 6.93 -39.75 -28.16
N LYS B 232 7.13 -41.08 -28.22
CA LYS B 232 6.32 -42.04 -27.47
C LYS B 232 6.46 -41.81 -25.97
N LEU B 233 7.71 -41.75 -25.50
CA LEU B 233 8.01 -41.52 -24.09
C LEU B 233 7.25 -40.34 -23.47
N TYR B 234 7.23 -39.21 -24.19
CA TYR B 234 6.64 -37.94 -23.71
C TYR B 234 5.22 -37.63 -24.23
N ARG B 235 4.58 -38.58 -24.91
CA ARG B 235 3.19 -38.39 -25.35
C ARG B 235 2.24 -38.35 -24.14
N LEU B 236 1.18 -37.55 -24.24
CA LEU B 236 0.25 -37.35 -23.12
C LEU B 236 -1.19 -37.65 -23.56
N PRO B 237 -2.12 -37.84 -22.60
CA PRO B 237 -3.54 -37.91 -22.98
C PRO B 237 -4.02 -36.63 -23.68
N GLU B 238 -5.09 -36.75 -24.46
CA GLU B 238 -5.67 -35.61 -25.19
C GLU B 238 -6.53 -34.72 -24.28
N THR B 239 -7.12 -35.32 -23.24
CA THR B 239 -7.93 -34.58 -22.28
C THR B 239 -7.51 -34.92 -20.85
N PRO B 240 -7.77 -34.03 -19.87
CA PRO B 240 -7.28 -34.28 -18.50
C PRO B 240 -8.12 -35.32 -17.74
N LYS B 241 -7.58 -35.90 -16.67
CA LYS B 241 -8.25 -36.97 -15.92
C LYS B 241 -9.06 -36.54 -14.67
N THR B 242 -8.73 -35.39 -14.07
CA THR B 242 -9.36 -35.02 -12.81
C THR B 242 -10.79 -34.54 -13.05
N ALA B 243 -11.71 -35.17 -12.29
CA ALA B 243 -13.13 -34.88 -12.36
C ALA B 243 -13.42 -33.43 -12.00
N GLY B 244 -14.16 -32.75 -12.86
CA GLY B 244 -14.62 -31.40 -12.59
C GLY B 244 -13.59 -30.30 -12.74
N LEU B 245 -12.54 -30.56 -13.50
CA LEU B 245 -11.56 -29.55 -13.84
C LEU B 245 -12.24 -28.57 -14.79
N ARG B 246 -12.02 -27.27 -14.60
CA ARG B 246 -12.55 -26.25 -15.50
C ARG B 246 -11.78 -24.95 -15.28
N PRO B 247 -11.87 -24.00 -16.25
CA PRO B 247 -11.20 -22.72 -15.98
C PRO B 247 -11.76 -22.02 -14.73
N MET B 248 -10.87 -21.31 -14.04
CA MET B 248 -11.23 -20.38 -12.97
C MET B 248 -12.16 -19.29 -13.53
N GLU B 249 -13.19 -18.98 -12.76
CA GLU B 249 -14.13 -17.91 -13.07
C GLU B 249 -14.22 -16.95 -11.87
N THR B 250 -14.84 -15.80 -12.10
CA THR B 250 -15.09 -14.77 -11.11
C THR B 250 -15.59 -15.33 -9.77
N LYS B 251 -16.61 -16.18 -9.81
CA LYS B 251 -17.17 -16.81 -8.59
C LYS B 251 -16.16 -17.60 -7.73
N ASP B 252 -15.03 -18.02 -8.33
CA ASP B 252 -14.01 -18.80 -7.61
C ASP B 252 -12.96 -17.94 -6.88
N ILE B 253 -12.99 -16.62 -7.07
CA ILE B 253 -11.94 -15.75 -6.50
C ILE B 253 -11.82 -15.91 -4.97
N PRO B 254 -12.94 -15.96 -4.24
CA PRO B 254 -12.83 -16.12 -2.80
C PRO B 254 -12.23 -17.44 -2.37
N VAL B 255 -12.69 -18.53 -2.96
CA VAL B 255 -12.25 -19.85 -2.54
C VAL B 255 -10.80 -20.13 -3.01
N VAL B 256 -10.41 -19.61 -4.18
CA VAL B 256 -9.01 -19.69 -4.60
C VAL B 256 -8.12 -18.95 -3.61
N HIS B 257 -8.54 -17.76 -3.23
CA HIS B 257 -7.86 -17.00 -2.17
C HIS B 257 -7.68 -17.82 -0.89
N GLN B 258 -8.79 -18.45 -0.45
CA GLN B 258 -8.80 -19.31 0.75
C GLN B 258 -7.85 -20.51 0.64
N LEU B 259 -7.95 -21.23 -0.48
CA LEU B 259 -7.11 -22.42 -0.71
C LEU B 259 -5.62 -22.05 -0.65
N LEU B 260 -5.26 -20.96 -1.34
CA LEU B 260 -3.87 -20.50 -1.42
C LEU B 260 -3.35 -20.01 -0.07
N THR B 261 -4.15 -19.19 0.63
CA THR B 261 -3.72 -18.68 1.95
C THR B 261 -3.40 -19.85 2.89
N ARG B 262 -4.25 -20.88 2.92
CA ARG B 262 -4.08 -22.02 3.82
C ARG B 262 -2.93 -22.94 3.41
N TYR B 263 -2.85 -23.25 2.11
CA TYR B 263 -1.81 -24.11 1.57
C TYR B 263 -0.40 -23.56 1.82
N LEU B 264 -0.23 -22.24 1.70
CA LEU B 264 1.07 -21.57 1.83
C LEU B 264 1.66 -21.52 3.24
N LYS B 265 0.85 -21.73 4.28
CA LYS B 265 1.33 -21.67 5.66
C LYS B 265 2.43 -22.70 5.99
N GLN B 266 2.45 -23.83 5.25
CA GLN B 266 3.48 -24.85 5.44
C GLN B 266 4.90 -24.45 4.99
N PHE B 267 5.04 -23.37 4.22
CA PHE B 267 6.36 -22.91 3.75
C PHE B 267 6.88 -21.73 4.56
N HIS B 268 8.15 -21.40 4.40
CA HIS B 268 8.82 -20.37 5.21
C HIS B 268 9.07 -19.04 4.50
N LEU B 269 8.95 -19.01 3.18
CA LEU B 269 8.99 -17.76 2.42
C LEU B 269 7.83 -17.78 1.45
N THR B 270 6.85 -16.89 1.64
CA THR B 270 5.64 -16.90 0.81
C THR B 270 5.07 -15.50 0.63
N PRO B 271 4.23 -15.30 -0.40
CA PRO B 271 3.46 -14.07 -0.45
C PRO B 271 2.24 -14.17 0.46
N VAL B 272 1.76 -13.04 0.92
CA VAL B 272 0.48 -12.94 1.61
C VAL B 272 -0.41 -12.06 0.74
N MET B 273 -1.31 -12.69 0.01
CA MET B 273 -2.10 -12.00 -1.04
C MET B 273 -3.46 -11.60 -0.52
N SER B 274 -3.90 -10.38 -0.82
CA SER B 274 -5.31 -10.01 -0.63
C SER B 274 -6.19 -10.70 -1.68
N GLN B 275 -7.50 -10.64 -1.47
CA GLN B 275 -8.43 -11.19 -2.45
C GLN B 275 -8.30 -10.48 -3.82
N GLU B 276 -8.01 -9.18 -3.81
CA GLU B 276 -7.80 -8.43 -5.05
C GLU B 276 -6.51 -8.86 -5.73
N GLU B 277 -5.46 -9.10 -4.94
CA GLU B 277 -4.23 -9.67 -5.48
C GLU B 277 -4.46 -11.04 -6.11
N VAL B 278 -5.29 -11.84 -5.47
CA VAL B 278 -5.63 -13.18 -5.98
C VAL B 278 -6.35 -13.08 -7.34
N GLU B 279 -7.28 -12.14 -7.44
CA GLU B 279 -7.93 -11.88 -8.70
C GLU B 279 -6.88 -11.50 -9.75
N HIS B 280 -5.97 -10.58 -9.42
CA HIS B 280 -4.96 -10.14 -10.39
C HIS B 280 -4.07 -11.28 -10.91
N TRP B 281 -3.52 -12.06 -9.99
CA TRP B 281 -2.51 -13.06 -10.33
C TRP B 281 -3.04 -14.38 -10.87
N PHE B 282 -4.32 -14.68 -10.66
CA PHE B 282 -4.87 -15.98 -11.07
C PHE B 282 -6.00 -15.94 -12.10
N TYR B 283 -6.77 -14.86 -12.18
CA TYR B 283 -7.92 -14.82 -13.05
C TYR B 283 -7.45 -14.96 -14.50
N PRO B 284 -7.98 -15.97 -15.23
CA PRO B 284 -7.31 -16.26 -16.52
C PRO B 284 -7.34 -15.11 -17.53
N GLN B 285 -6.22 -14.89 -18.18
CA GLN B 285 -6.11 -13.96 -19.30
C GLN B 285 -5.37 -14.71 -20.38
N GLU B 286 -5.96 -14.76 -21.57
CA GLU B 286 -5.41 -15.58 -22.65
C GLU B 286 -3.98 -15.16 -22.96
N ASN B 287 -3.11 -16.16 -23.11
CA ASN B 287 -1.68 -16.01 -23.42
C ASN B 287 -0.87 -15.27 -22.35
N ILE B 288 -1.36 -15.31 -21.10
CA ILE B 288 -0.67 -14.68 -19.97
C ILE B 288 -0.72 -15.63 -18.78
N ILE B 289 -1.93 -15.91 -18.29
CA ILE B 289 -2.09 -16.72 -17.08
C ILE B 289 -3.28 -17.64 -17.27
N ASP B 290 -3.07 -18.90 -16.89
CA ASP B 290 -4.12 -19.89 -16.88
C ASP B 290 -4.24 -20.41 -15.46
N THR B 291 -5.47 -20.47 -14.98
CA THR B 291 -5.79 -21.16 -13.74
C THR B 291 -7.01 -22.07 -13.95
N PHE B 292 -6.86 -23.33 -13.56
CA PHE B 292 -7.95 -24.27 -13.61
C PHE B 292 -8.27 -24.77 -12.19
N VAL B 293 -9.56 -24.84 -11.88
CA VAL B 293 -10.02 -25.27 -10.53
C VAL B 293 -10.64 -26.62 -10.65
N VAL B 294 -10.64 -27.37 -9.54
CA VAL B 294 -11.33 -28.65 -9.47
C VAL B 294 -12.58 -28.40 -8.65
N GLU B 295 -13.74 -28.56 -9.29
CA GLU B 295 -15.03 -28.35 -8.64
C GLU B 295 -15.66 -29.72 -8.60
N ASN B 296 -15.86 -30.24 -7.39
CA ASN B 296 -16.35 -31.61 -7.19
C ASN B 296 -17.88 -31.71 -7.38
N ALA B 297 -18.43 -32.88 -7.08
CA ALA B 297 -19.86 -33.17 -7.28
C ALA B 297 -20.80 -32.41 -6.32
N ASN B 298 -20.23 -31.85 -5.23
CA ASN B 298 -20.93 -30.93 -4.31
C ASN B 298 -20.97 -29.47 -4.78
N GLY B 299 -20.27 -29.15 -5.87
CA GLY B 299 -20.11 -27.76 -6.29
C GLY B 299 -19.03 -27.00 -5.53
N GLU B 300 -18.18 -27.72 -4.79
CA GLU B 300 -17.13 -27.12 -3.98
C GLU B 300 -15.78 -27.22 -4.73
N VAL B 301 -15.03 -26.12 -4.75
CA VAL B 301 -13.70 -26.04 -5.35
C VAL B 301 -12.68 -26.50 -4.33
N THR B 302 -11.99 -27.60 -4.63
CA THR B 302 -11.03 -28.22 -3.69
C THR B 302 -9.55 -28.15 -4.08
N ASP B 303 -9.27 -27.84 -5.35
CA ASP B 303 -7.88 -27.74 -5.85
C ASP B 303 -7.79 -26.71 -6.98
N PHE B 304 -6.60 -26.14 -7.16
CA PHE B 304 -6.33 -25.44 -8.41
C PHE B 304 -4.91 -25.66 -8.90
N LEU B 305 -4.74 -25.49 -10.21
CA LEU B 305 -3.43 -25.44 -10.85
C LEU B 305 -3.34 -24.15 -11.61
N SER B 306 -2.13 -23.66 -11.79
CA SER B 306 -1.92 -22.47 -12.59
C SER B 306 -0.55 -22.42 -13.21
N PHE B 307 -0.50 -21.90 -14.41
CA PHE B 307 0.75 -21.65 -15.11
C PHE B 307 0.68 -20.40 -15.96
N TYR B 308 1.81 -19.70 -16.07
CA TYR B 308 1.88 -18.53 -16.92
C TYR B 308 2.60 -18.80 -18.25
N THR B 309 2.30 -17.93 -19.22
CA THR B 309 2.80 -18.02 -20.61
C THR B 309 4.01 -17.14 -20.75
N LEU B 310 5.16 -17.71 -21.14
CA LEU B 310 6.35 -16.91 -21.43
C LEU B 310 7.19 -17.57 -22.52
N PRO B 311 7.13 -17.06 -23.76
CA PRO B 311 8.00 -17.65 -24.81
C PRO B 311 9.44 -17.20 -24.74
N SER B 312 10.32 -17.93 -25.43
CA SER B 312 11.71 -17.53 -25.59
C SER B 312 12.04 -17.39 -27.07
N THR B 313 12.67 -16.28 -27.44
CA THR B 313 13.21 -16.11 -28.79
C THR B 313 14.33 -17.13 -28.92
N ILE B 314 14.34 -17.84 -30.05
CA ILE B 314 15.41 -18.77 -30.38
C ILE B 314 16.37 -17.97 -31.25
N MET B 315 17.58 -17.73 -30.74
CA MET B 315 18.49 -16.76 -31.35
C MET B 315 19.19 -17.30 -32.61
N ASN B 316 19.26 -16.45 -33.62
CA ASN B 316 20.02 -16.74 -34.85
C ASN B 316 19.56 -17.92 -35.69
N HIS B 317 18.30 -18.33 -35.53
CA HIS B 317 17.81 -19.58 -36.11
C HIS B 317 16.91 -19.32 -37.33
N PRO B 318 17.22 -19.93 -38.50
CA PRO B 318 16.51 -19.66 -39.78
C PRO B 318 14.98 -19.88 -39.86
N THR B 319 14.54 -20.99 -39.24
CA THR B 319 13.17 -21.47 -39.37
C THR B 319 12.39 -21.20 -38.08
N HIS B 320 12.74 -21.91 -37.02
CA HIS B 320 12.08 -21.82 -35.70
C HIS B 320 12.47 -20.51 -34.98
N LYS B 321 11.50 -19.61 -34.82
CA LYS B 321 11.76 -18.29 -34.26
C LYS B 321 11.45 -18.18 -32.76
N SER B 322 10.41 -18.85 -32.30
CA SER B 322 9.93 -18.72 -30.91
C SER B 322 9.65 -20.09 -30.32
N LEU B 323 9.95 -20.22 -29.02
CA LEU B 323 9.71 -21.45 -28.28
C LEU B 323 8.64 -21.12 -27.24
N LYS B 324 7.52 -21.82 -27.30
CA LYS B 324 6.35 -21.54 -26.46
C LYS B 324 6.44 -22.37 -25.19
N ALA B 325 6.55 -21.69 -24.05
CA ALA B 325 6.78 -22.34 -22.77
C ALA B 325 5.79 -21.87 -21.71
N ALA B 326 5.39 -22.82 -20.88
CA ALA B 326 4.48 -22.59 -19.78
C ALA B 326 5.27 -22.72 -18.50
N TYR B 327 4.99 -21.85 -17.53
CA TYR B 327 5.71 -21.85 -16.27
C TYR B 327 4.76 -22.14 -15.14
N SER B 328 5.10 -23.20 -14.41
CA SER B 328 4.33 -23.57 -13.22
C SER B 328 4.27 -22.39 -12.23
N PHE B 329 3.08 -22.12 -11.71
CA PHE B 329 2.87 -20.94 -10.87
C PHE B 329 2.49 -21.41 -9.46
N TYR B 330 1.24 -21.28 -9.03
CA TYR B 330 0.82 -21.86 -7.75
C TYR B 330 -0.15 -23.02 -7.97
N ASN B 331 0.15 -24.17 -7.37
CA ASN B 331 -0.66 -25.39 -7.52
C ASN B 331 -1.01 -25.87 -6.12
N VAL B 332 -2.30 -25.81 -5.80
CA VAL B 332 -2.78 -26.10 -4.44
C VAL B 332 -3.63 -27.35 -4.52
N HIS B 333 -3.37 -28.27 -3.59
CA HIS B 333 -4.09 -29.52 -3.51
C HIS B 333 -4.64 -29.72 -2.09
N THR B 334 -5.92 -30.07 -2.00
CA THR B 334 -6.51 -30.59 -0.74
C THR B 334 -7.26 -31.94 -0.89
N GLN B 335 -7.78 -32.25 -2.07
CA GLN B 335 -8.41 -33.57 -2.34
C GLN B 335 -7.78 -34.34 -3.51
N THR B 336 -7.47 -33.68 -4.61
CA THR B 336 -6.77 -34.32 -5.74
C THR B 336 -5.28 -34.48 -5.41
N PRO B 337 -4.69 -35.68 -5.62
CA PRO B 337 -3.25 -35.79 -5.38
C PRO B 337 -2.47 -34.86 -6.30
N LEU B 338 -1.40 -34.27 -5.77
CA LEU B 338 -0.62 -33.27 -6.51
C LEU B 338 -0.08 -33.83 -7.85
N LEU B 339 0.31 -35.10 -7.85
CA LEU B 339 0.79 -35.75 -9.07
C LEU B 339 -0.24 -35.69 -10.22
N ASP B 340 -1.51 -35.89 -9.88
CA ASP B 340 -2.61 -35.87 -10.84
C ASP B 340 -2.85 -34.44 -11.37
N LEU B 341 -2.91 -33.49 -10.44
CA LEU B 341 -3.03 -32.06 -10.76
C LEU B 341 -2.03 -31.61 -11.80
N MET B 342 -0.78 -31.97 -11.54
CA MET B 342 0.33 -31.57 -12.40
C MET B 342 0.33 -32.34 -13.69
N SER B 343 -0.12 -33.59 -13.63
CA SER B 343 -0.35 -34.38 -14.84
C SER B 343 -1.38 -33.69 -15.73
N ASP B 344 -2.46 -33.20 -15.11
CA ASP B 344 -3.47 -32.43 -15.84
C ASP B 344 -2.93 -31.11 -16.36
N ALA B 345 -2.06 -30.45 -15.58
CA ALA B 345 -1.38 -29.23 -16.02
C ALA B 345 -0.57 -29.45 -17.31
N LEU B 346 0.17 -30.56 -17.36
CA LEU B 346 0.92 -30.94 -18.56
C LEU B 346 0.00 -31.16 -19.77
N VAL B 347 -1.15 -31.82 -19.54
CA VAL B 347 -2.10 -32.11 -20.63
C VAL B 347 -2.69 -30.82 -21.19
N LEU B 348 -3.12 -29.92 -20.28
CA LEU B 348 -3.64 -28.60 -20.67
C LEU B 348 -2.61 -27.74 -21.42
N ALA B 349 -1.37 -27.74 -20.94
CA ALA B 349 -0.27 -27.06 -21.59
C ALA B 349 -0.07 -27.57 -23.04
N LYS B 350 -0.11 -28.89 -23.20
CA LYS B 350 0.01 -29.54 -24.51
C LYS B 350 -1.16 -29.19 -25.46
N MET B 351 -2.39 -29.31 -24.97
CA MET B 351 -3.58 -28.86 -25.70
C MET B 351 -3.44 -27.42 -26.22
N LYS B 352 -2.87 -26.54 -25.40
CA LYS B 352 -2.76 -25.09 -25.74
C LYS B 352 -1.57 -24.75 -26.65
N GLY B 353 -0.79 -25.76 -27.07
CA GLY B 353 0.28 -25.57 -28.06
C GLY B 353 1.65 -25.34 -27.46
N PHE B 354 1.80 -25.44 -26.13
CA PHE B 354 3.11 -25.24 -25.50
C PHE B 354 4.08 -26.33 -25.93
N ASP B 355 5.34 -25.94 -26.11
CA ASP B 355 6.42 -26.86 -26.50
C ASP B 355 7.06 -27.51 -25.29
N VAL B 356 6.99 -26.82 -24.15
CA VAL B 356 7.64 -27.28 -22.94
C VAL B 356 6.93 -26.68 -21.73
N PHE B 357 6.93 -27.44 -20.63
CA PHE B 357 6.39 -26.98 -19.32
C PHE B 357 7.55 -26.92 -18.32
N ASN B 358 7.75 -25.76 -17.70
CA ASN B 358 8.90 -25.51 -16.82
C ASN B 358 8.41 -25.35 -15.39
N ALA B 359 9.24 -25.82 -14.46
CA ALA B 359 8.95 -25.71 -13.03
C ALA B 359 10.25 -25.63 -12.25
N LEU B 360 10.16 -25.08 -11.04
CA LEU B 360 11.27 -25.04 -10.12
C LEU B 360 11.08 -26.20 -9.16
N ASP B 361 12.09 -26.50 -8.35
CA ASP B 361 12.03 -27.57 -7.34
C ASP B 361 11.54 -27.10 -5.96
N LEU B 362 10.80 -26.00 -5.92
CA LEU B 362 10.32 -25.39 -4.67
C LEU B 362 8.98 -25.98 -4.26
N MET B 363 8.50 -25.59 -3.08
CA MET B 363 7.27 -26.14 -2.50
C MET B 363 7.35 -27.69 -2.48
N GLU B 364 6.31 -28.38 -2.92
CA GLU B 364 6.33 -29.84 -2.98
C GLU B 364 6.63 -30.32 -4.40
N ASN B 365 7.23 -29.48 -5.24
CA ASN B 365 7.47 -29.86 -6.64
C ASN B 365 8.36 -31.10 -6.78
N LYS B 366 9.36 -31.27 -5.93
CA LYS B 366 10.19 -32.50 -5.94
C LYS B 366 9.41 -33.82 -5.82
N THR B 367 8.21 -33.80 -5.22
CA THR B 367 7.39 -35.02 -5.14
C THR B 367 6.84 -35.49 -6.49
N PHE B 368 6.76 -34.63 -7.50
CA PHE B 368 6.21 -35.01 -8.80
C PHE B 368 7.15 -34.85 -10.00
N LEU B 369 8.28 -34.16 -9.84
CA LEU B 369 9.11 -33.78 -10.99
C LEU B 369 9.63 -34.99 -11.74
N GLU B 370 10.33 -35.89 -11.05
CA GLU B 370 10.86 -37.09 -11.68
C GLU B 370 9.73 -37.99 -12.22
N LYS B 371 8.70 -38.22 -11.38
CA LYS B 371 7.57 -39.08 -11.76
C LYS B 371 6.79 -38.64 -13.03
N LEU B 372 6.77 -37.35 -13.34
CA LEU B 372 6.10 -36.85 -14.55
C LEU B 372 7.06 -36.58 -15.72
N LYS B 373 8.27 -37.13 -15.63
CA LYS B 373 9.25 -37.10 -16.70
C LYS B 373 9.78 -35.68 -16.98
N PHE B 374 9.88 -34.87 -15.93
CA PHE B 374 10.67 -33.64 -15.99
C PHE B 374 12.16 -34.04 -16.04
N GLY B 375 12.93 -33.34 -16.89
CA GLY B 375 14.39 -33.40 -16.85
C GLY B 375 14.93 -32.16 -16.16
N ILE B 376 16.02 -32.33 -15.41
CA ILE B 376 16.67 -31.22 -14.71
C ILE B 376 17.46 -30.36 -15.71
N GLY B 377 17.52 -29.06 -15.46
CA GLY B 377 18.27 -28.15 -16.31
C GLY B 377 19.60 -27.81 -15.67
N ASP B 378 20.40 -27.03 -16.42
CA ASP B 378 21.58 -26.37 -15.88
C ASP B 378 21.12 -25.00 -15.41
N GLY B 379 21.83 -24.47 -14.42
CA GLY B 379 21.51 -23.16 -13.85
C GLY B 379 20.87 -23.31 -12.48
N ASN B 380 20.99 -22.25 -11.70
CA ASN B 380 20.39 -22.14 -10.37
C ASN B 380 19.60 -20.86 -10.34
N LEU B 381 18.47 -20.86 -9.66
CA LEU B 381 17.76 -19.63 -9.35
C LEU B 381 17.92 -19.39 -7.87
N GLN B 382 18.57 -18.28 -7.56
CA GLN B 382 18.89 -17.91 -6.19
C GLN B 382 17.76 -16.99 -5.74
N TYR B 383 17.27 -17.20 -4.51
CA TYR B 383 16.28 -16.30 -3.87
C TYR B 383 16.98 -15.43 -2.86
N TYR B 384 16.57 -14.17 -2.78
CA TYR B 384 17.26 -13.16 -1.98
C TYR B 384 16.29 -12.23 -1.28
N LEU B 385 16.72 -11.79 -0.10
CA LEU B 385 16.09 -10.73 0.66
C LEU B 385 17.09 -9.62 0.85
N TYR B 386 16.62 -8.38 0.62
CA TYR B 386 17.36 -7.15 0.90
C TYR B 386 16.97 -6.67 2.31
N ASN B 387 17.98 -6.36 3.11
CA ASN B 387 17.81 -5.77 4.45
C ASN B 387 16.96 -6.66 5.37
N TRP B 388 17.17 -7.97 5.26
CA TRP B 388 16.57 -8.92 6.14
C TRP B 388 17.56 -10.08 6.34
N LYS B 389 18.05 -10.21 7.56
CA LYS B 389 19.00 -11.26 7.96
C LYS B 389 18.17 -12.37 8.57
N CYS B 390 18.27 -13.57 8.00
CA CYS B 390 17.56 -14.77 8.51
C CYS B 390 18.28 -16.05 8.06
N PRO B 391 18.00 -17.20 8.69
CA PRO B 391 18.61 -18.43 8.21
C PRO B 391 18.18 -18.77 6.78
N SER B 392 19.05 -19.43 6.03
CA SER B 392 18.67 -19.96 4.73
C SER B 392 17.70 -21.13 4.96
N MET B 393 17.01 -21.54 3.92
CA MET B 393 16.09 -22.69 3.96
C MET B 393 16.31 -23.50 2.68
N GLY B 394 15.93 -24.78 2.71
CA GLY B 394 15.88 -25.62 1.51
C GLY B 394 14.79 -25.16 0.57
N ALA B 395 14.96 -25.53 -0.71
CA ALA B 395 13.99 -25.22 -1.77
C ALA B 395 12.54 -25.59 -1.41
N GLU B 396 12.38 -26.74 -0.76
CA GLU B 396 11.05 -27.26 -0.38
C GLU B 396 10.28 -26.36 0.61
N LYS B 397 10.98 -25.45 1.29
CA LYS B 397 10.36 -24.45 2.16
C LYS B 397 10.20 -23.08 1.50
N VAL B 398 10.73 -22.88 0.30
CA VAL B 398 10.46 -21.67 -0.49
C VAL B 398 9.06 -21.80 -1.11
N GLY B 399 8.20 -20.80 -0.90
CA GLY B 399 6.81 -20.84 -1.40
C GLY B 399 6.41 -19.55 -2.07
N LEU B 400 7.33 -19.04 -2.90
CA LEU B 400 7.17 -17.78 -3.58
C LEU B 400 7.63 -17.96 -5.03
N VAL B 401 6.76 -17.61 -5.97
CA VAL B 401 7.00 -17.80 -7.40
C VAL B 401 6.75 -16.47 -8.06
N LEU B 402 7.77 -15.96 -8.75
CA LEU B 402 7.75 -14.66 -9.41
C LEU B 402 7.67 -14.84 -10.92
N GLN B 403 7.51 -13.72 -11.62
CA GLN B 403 7.26 -13.71 -13.07
C GLN B 403 8.55 -13.64 -13.84
O1 31A C . -14.37 18.04 16.46
C9 31A C . -14.13 19.21 16.74
N1 31A C . -15.12 20.12 17.00
C 31A C . -16.46 19.90 16.95
C1 31A C . -17.34 21.05 17.22
C2 31A C . -17.76 21.71 15.93
C8 31A C . -17.40 23.03 15.66
C6 31A C . -17.79 23.64 14.47
O 31A C . -17.45 24.92 14.18
C7 31A C . -17.68 25.91 15.18
C5 31A C . -18.56 22.93 13.55
C4 31A C . -18.90 21.63 13.81
C3 31A C . -18.51 21.02 14.99
N 31A C . -16.95 18.74 16.64
C10 31A C . -12.71 19.66 16.92
C20 31A C . -12.38 20.51 17.99
C19 31A C . -11.09 20.87 18.24
C18 31A C . -10.08 20.41 17.43
C17 31A C . -10.35 19.56 16.38
C11 31A C . -11.66 19.17 16.12
O2 31A C . -12.07 18.36 15.10
C12 31A C . -11.20 17.78 14.07
C16 31A C . -11.24 16.29 14.32
C15 31A C . -12.60 15.71 14.03
N2 31A C . -13.04 16.05 12.66
C14 31A C . -13.09 17.52 12.48
C13 31A C . -11.73 18.13 12.70
S1 MYA D . -17.32 10.65 12.36
C2 MYA D . -18.44 11.80 11.65
C3 MYA D . -19.76 11.09 11.38
N4 MYA D . -20.66 11.96 10.64
C5 MYA D . -21.48 12.83 11.21
O5 MYA D . -21.59 12.94 12.41
C6 MYA D . -22.25 13.73 10.28
C7 MYA D . -23.69 13.95 10.72
N8 MYA D . -24.47 12.74 10.92
C9 MYA D . -24.76 11.90 9.94
O9 MYA D . -24.43 12.05 8.77
C10 MYA D . -25.54 10.69 10.38
O10 MYA D . -26.21 11.01 11.61
C11 MYA D . -24.60 9.50 10.57
C12 MYA D . -25.34 8.32 11.17
C13 MYA D . -23.46 9.84 11.54
C14 MYA D . -24.03 9.10 9.20
N1A MYA D . -19.68 6.55 13.77
O1A MYA D . -28.15 5.12 9.84
P1A MYA D . -28.51 5.19 11.31
C1X MYA D . -24.39 4.35 14.73
C2A MYA D . -20.05 5.25 13.83
O2A MYA D . -29.92 4.85 11.73
P2A MYA D . -27.95 8.03 11.20
C2M MYA D . -16.66 9.75 11.09
O2M MYA D . -16.67 10.17 9.93
C2X MYA D . -25.44 4.37 15.82
O2X MYA D . -24.87 4.24 17.15
N3A MYA D . -21.32 4.84 14.09
O3A MYA D . -28.03 6.59 11.96
C3M MYA D . -16.03 8.39 11.31
C3X MYA D . -26.28 3.20 15.42
O3X MYA D . -25.62 1.99 15.76
P3X MYA D . -26.11 1.12 17.00
C4A MYA D . -22.33 5.72 14.31
O4A MYA D . -27.99 9.09 12.31
C4M MYA D . -17.02 7.26 11.11
C4X MYA D . -26.31 3.32 13.91
O4X MYA D . -25.11 4.00 13.54
C5A MYA D . -22.02 7.15 14.27
O5A MYA D . -28.94 8.06 10.10
C5M MYA D . -16.47 5.89 11.50
C5X MYA D . -27.54 4.09 13.49
O5X MYA D . -27.55 4.16 12.08
C6A MYA D . -20.61 7.52 13.98
N6A MYA D . -20.30 8.83 13.94
O6A MYA D . -26.55 8.06 10.47
C6M MYA D . -17.50 4.79 11.22
N7A MYA D . -23.17 7.79 14.53
O7A MYA D . -26.25 2.09 18.14
C7M MYA D . -17.07 3.39 11.69
C8A MYA D . -24.15 6.87 14.72
O8A MYA D . -27.43 0.53 16.54
C8M MYA D . -15.91 2.78 10.87
N9A MYA D . -23.65 5.63 14.59
O9A MYA D . -25.02 0.08 17.15
C9M MYA D . -15.50 1.41 11.40
CAM MYA D . -14.25 0.88 10.68
CBM MYA D . -14.62 0.31 9.30
CCM MYA D . -13.38 -0.14 8.53
CDM MYA D . -12.92 -1.54 8.93
CEM MYA D . -11.90 -2.08 7.94
CFM MYA D . -11.25 -3.29 8.54
MG MG E . -29.76 6.39 7.99
C1 GOL F . -10.83 -0.59 20.70
O1 GOL F . -10.86 0.79 20.30
C2 GOL F . -9.74 -0.90 21.71
O2 GOL F . -9.49 -2.30 21.75
C3 GOL F . -10.17 -0.42 23.13
O3 GOL F . -9.02 -0.14 23.94
O1 31A G . 14.82 -18.82 -14.81
C9 31A G . 14.36 -19.76 -15.43
N1 31A G . 14.99 -20.27 -16.55
C 31A G . 16.13 -19.79 -17.10
C1 31A G . 16.65 -20.46 -18.34
C2 31A G . 16.30 -19.67 -19.58
C8 31A G . 15.52 -20.23 -20.58
C6 31A G . 15.20 -19.50 -21.72
O 31A G . 14.43 -20.03 -22.73
C7 31A G . 14.60 -21.41 -23.06
C5 31A G . 15.65 -18.20 -21.87
C4 31A G . 16.42 -17.64 -20.86
C3 31A G . 16.74 -18.37 -19.73
N 31A G . 16.75 -18.77 -16.60
C10 31A G . 13.13 -20.47 -14.93
C20 31A G . 13.02 -21.86 -15.09
C19 31A G . 11.95 -22.56 -14.59
C18 31A G . 10.95 -21.90 -13.90
C17 31A G . 11.03 -20.53 -13.71
C11 31A G . 12.10 -19.80 -14.21
O2 31A G . 12.24 -18.46 -14.04
C12 31A G . 11.11 -17.51 -14.01
C16 31A G . 11.34 -16.59 -12.83
C15 31A G . 12.54 -15.69 -13.06
N2 31A G . 12.42 -14.94 -14.31
C14 31A G . 12.26 -15.84 -15.47
C13 31A G . 11.06 -16.75 -15.31
S1 MYA H . 17.22 -10.78 -12.35
C2 MYA H . 17.35 -10.43 -14.08
C3 MYA H . 18.60 -9.62 -14.23
N4 MYA H . 18.71 -9.14 -15.57
C5 MYA H . 19.34 -9.83 -16.50
O5 MYA H . 19.97 -10.84 -16.25
C6 MYA H . 19.21 -9.35 -17.91
C7 MYA H . 20.52 -9.54 -18.70
N8 MYA H . 21.63 -8.85 -18.06
C9 MYA H . 21.73 -7.53 -18.02
O9 MYA H . 20.91 -6.74 -18.48
C10 MYA H . 22.94 -7.00 -17.30
O10 MYA H . 23.97 -7.99 -17.43
C11 MYA H . 22.63 -6.72 -15.80
C12 MYA H . 23.89 -6.31 -15.07
C13 MYA H . 22.14 -7.97 -15.07
C14 MYA H . 21.57 -5.62 -15.67
N1A MYA H . 21.09 -8.79 -9.73
O1A MYA H . 26.28 -2.71 -14.64
P1A MYA H . 27.29 -3.77 -14.28
C1X MYA H . 25.90 -7.08 -10.28
C2A MYA H . 21.84 -7.98 -8.94
O2A MYA H . 28.71 -3.62 -14.73
P2A MYA H . 26.03 -5.32 -16.22
C2M MYA H . 16.38 -9.55 -11.66
O2M MYA H . 15.64 -8.87 -12.33
C2X MYA H . 27.28 -7.72 -10.30
O2X MYA H . 27.38 -8.82 -9.38
N3A MYA H . 23.11 -7.63 -9.25
O3A MYA H . 26.82 -5.18 -14.84
C3M MYA H . 16.58 -9.28 -10.20
C3X MYA H . 28.12 -6.49 -9.97
O3X MYA H . 28.10 -6.20 -8.58
P3X MYA H . 29.33 -6.61 -7.63
C4A MYA H . 23.68 -8.08 -10.38
O4A MYA H . 26.30 -6.76 -16.64
C4M MYA H . 17.41 -7.99 -10.06
C4X MYA H . 27.43 -5.39 -10.74
O4X MYA H . 26.07 -5.81 -10.90
C5A MYA H . 22.94 -8.96 -11.29
O5A MYA H . 26.30 -4.15 -17.13
C5M MYA H . 17.45 -7.59 -8.59
C5X MYA H . 28.04 -5.17 -12.13
O5X MYA H . 27.25 -4.14 -12.72
C6A MYA H . 21.56 -9.30 -10.90
N6A MYA H . 20.80 -10.10 -11.67
O6A MYA H . 24.52 -5.19 -15.70
C6M MYA H . 18.39 -6.38 -8.35
N7A MYA H . 23.75 -9.26 -12.32
O7A MYA H . 29.67 -8.03 -8.05
C7M MYA H . 18.63 -6.16 -6.84
C8A MYA H . 24.93 -8.62 -12.09
O8A MYA H . 30.42 -5.62 -7.99
C8M MYA H . 17.51 -5.41 -6.10
N9A MYA H . 24.87 -7.92 -10.93
O9A MYA H . 28.82 -6.50 -6.21
C9M MYA H . 17.86 -5.21 -4.62
CAM MYA H . 16.67 -4.69 -3.83
CBM MYA H . 16.49 -3.18 -4.06
CCM MYA H . 15.24 -2.61 -3.37
CDM MYA H . 15.42 -2.38 -1.86
CEM MYA H . 14.18 -1.70 -1.30
CFM MYA H . 14.28 -1.45 0.20
MG MG I . 26.29 -1.66 -17.30
C1 GOL J . 19.41 -15.15 3.55
O1 GOL J . 20.22 -15.86 4.48
C2 GOL J . 19.56 -13.67 3.84
O2 GOL J . 19.16 -13.39 5.21
C3 GOL J . 18.68 -12.89 2.88
O3 GOL J . 18.97 -13.09 1.49
#